data_5NQW
#
_entry.id   5NQW
#
_cell.length_a   102.020
_cell.length_b   102.020
_cell.length_c   300.424
_cell.angle_alpha   90.00
_cell.angle_beta   90.00
_cell.angle_gamma   90.00
#
_symmetry.space_group_name_H-M   'P 41 21 2'
#
loop_
_entity.id
_entity.type
_entity.pdbx_description
1 polymer 'Immunoglobulin heavy constant epsilon'
2 polymer 026
3 branched alpha-D-mannopyranose-(1-3)-[alpha-D-mannopyranose-(1-6)]alpha-D-mannopyranose-(1-6)-[alpha-D-mannopyranose-(1-3)]beta-D-mannopyranose-(1-4)-2-acetamido-2-deoxy-beta-D-glucopyranose-(1-4)-2-acetamido-2-deoxy-beta-D-glucopyranose
4 non-polymer GLYCEROL
#
loop_
_entity_poly.entity_id
_entity_poly.type
_entity_poly.pdbx_seq_one_letter_code
_entity_poly.pdbx_strand_id
1 'polypeptide(L)'
;RGVSAYLSRPSPFDLFIRKSPTITCLVVDLAPSKGTVNLTWSRASGKPVNHSTRKEEKQRNGTLTVTSTLPVGTRDWIEG
ETYQCRVTHPHLPRALMRSTTKTSGPRAAPEVYAFATPEWPGSRDKRTLACLIQNFMPEDISVQWLHNEVQLPDARHSTT
QPRKTKGSGFFVFSRLEVTRAEWEQKDEFICRAVHEAASPSQTVQRAVSVNP
;
A,B
2 'polypeptide(L)'
;MEVQLLESGGGLVQPGGSLRLSCAASGFTFGNYDMAWVRQAPGKRPEWVSSIDTGGDITHYADSVKGRFTISRDNAKNTL
YLQMNSLRPEDTAVYWCATDEEYALGPNEFDYYGQGTLVTVSSAAALEHHHHHH
;
C,D
#
loop_
_chem_comp.id
_chem_comp.type
_chem_comp.name
_chem_comp.formula
BMA D-saccharide, beta linking beta-D-mannopyranose 'C6 H12 O6'
GOL non-polymer GLYCEROL 'C3 H8 O3'
MAN D-saccharide, alpha linking alpha-D-mannopyranose 'C6 H12 O6'
NAG D-saccharide, beta linking 2-acetamido-2-deoxy-beta-D-glucopyranose 'C8 H15 N O6'
#
# COMPACT_ATOMS: atom_id res chain seq x y z
N VAL A 3 -2.60 9.93 -19.81
CA VAL A 3 -3.64 8.90 -19.93
C VAL A 3 -3.07 7.56 -19.46
N SER A 4 -3.88 6.79 -18.75
CA SER A 4 -3.46 5.50 -18.23
C SER A 4 -4.66 4.56 -18.18
N ALA A 5 -4.39 3.27 -18.34
CA ALA A 5 -5.45 2.26 -18.34
C ALA A 5 -5.03 1.08 -17.47
N TYR A 6 -6.01 0.50 -16.77
CA TYR A 6 -5.79 -0.59 -15.82
C TYR A 6 -6.86 -1.65 -16.03
N LEU A 7 -6.50 -2.90 -15.70
CA LEU A 7 -7.43 -4.02 -15.82
C LEU A 7 -7.25 -4.93 -14.62
N SER A 8 -8.36 -5.23 -13.94
CA SER A 8 -8.33 -5.95 -12.68
C SER A 8 -8.46 -7.45 -12.89
N ARG A 9 -8.34 -8.20 -11.80
CA ARG A 9 -8.78 -9.59 -11.73
C ARG A 9 -10.02 -9.68 -10.85
N PRO A 10 -10.83 -10.73 -11.02
CA PRO A 10 -11.95 -10.96 -10.10
C PRO A 10 -11.48 -11.06 -8.65
N SER A 11 -12.31 -10.55 -7.73
CA SER A 11 -12.08 -10.81 -6.31
C SER A 11 -12.41 -12.26 -6.00
N PRO A 12 -11.77 -12.83 -4.97
CA PRO A 12 -12.18 -14.17 -4.53
C PRO A 12 -13.61 -14.21 -4.01
N PHE A 13 -14.09 -13.10 -3.44
CA PHE A 13 -15.48 -13.01 -3.01
C PHE A 13 -16.43 -13.16 -4.19
N ASP A 14 -16.14 -12.46 -5.29
CA ASP A 14 -16.92 -12.62 -6.51
C ASP A 14 -16.79 -14.04 -7.07
N LEU A 15 -15.57 -14.56 -7.11
CA LEU A 15 -15.32 -15.87 -7.72
C LEU A 15 -15.92 -17.01 -6.90
N PHE A 16 -15.72 -17.00 -5.58
CA PHE A 16 -16.00 -18.19 -4.77
C PHE A 16 -17.21 -18.08 -3.84
N ILE A 17 -17.67 -16.88 -3.51
CA ILE A 17 -18.79 -16.77 -2.58
C ILE A 17 -20.05 -16.44 -3.35
N ARG A 18 -20.03 -15.32 -4.10
CA ARG A 18 -21.15 -15.04 -5.00
C ARG A 18 -21.15 -16.01 -6.17
N LYS A 19 -19.95 -16.42 -6.63
CA LYS A 19 -19.79 -17.36 -7.73
C LYS A 19 -20.26 -16.74 -9.05
N SER A 20 -19.86 -15.48 -9.24
CA SER A 20 -20.15 -14.74 -10.47
C SER A 20 -19.05 -13.70 -10.68
N PRO A 21 -17.83 -14.16 -10.97
CA PRO A 21 -16.69 -13.24 -11.11
C PRO A 21 -16.89 -12.21 -12.22
N THR A 22 -16.28 -11.04 -12.01
CA THR A 22 -16.32 -9.93 -12.94
C THR A 22 -14.96 -9.25 -12.96
N ILE A 23 -14.54 -8.79 -14.15
CA ILE A 23 -13.29 -8.08 -14.34
C ILE A 23 -13.59 -6.67 -14.79
N THR A 24 -12.85 -5.70 -14.27
CA THR A 24 -13.09 -4.29 -14.53
C THR A 24 -11.91 -3.67 -15.26
N CYS A 25 -12.19 -3.02 -16.39
CA CYS A 25 -11.21 -2.24 -17.14
C CYS A 25 -11.43 -0.77 -16.80
N LEU A 26 -10.36 -0.09 -16.39
CA LEU A 26 -10.45 1.26 -15.88
C LEU A 26 -9.54 2.18 -16.69
N VAL A 27 -10.11 3.25 -17.25
CA VAL A 27 -9.38 4.22 -18.03
C VAL A 27 -9.47 5.57 -17.32
N VAL A 28 -8.32 6.14 -16.97
CA VAL A 28 -8.24 7.40 -16.25
C VAL A 28 -7.68 8.45 -17.20
N ASP A 29 -8.47 9.49 -17.49
CA ASP A 29 -8.22 10.40 -18.60
C ASP A 29 -8.03 11.83 -18.10
N LEU A 30 -6.76 12.27 -18.04
CA LEU A 30 -6.46 13.66 -17.72
C LEU A 30 -6.54 14.55 -18.96
N ALA A 31 -7.07 15.77 -18.77
CA ALA A 31 -7.36 16.73 -19.84
C ALA A 31 -8.32 16.11 -20.85
N PRO A 32 -9.55 15.78 -20.44
CA PRO A 32 -10.39 14.89 -21.24
C PRO A 32 -11.35 15.62 -22.17
N SER A 33 -12.20 14.84 -22.83
CA SER A 33 -13.44 15.23 -23.52
C SER A 33 -13.20 15.73 -24.93
N LYS A 34 -11.99 15.52 -25.49
CA LYS A 34 -11.77 15.81 -26.89
C LYS A 34 -12.65 14.93 -27.78
N GLY A 35 -12.77 13.66 -27.46
CA GLY A 35 -13.67 12.75 -28.16
C GLY A 35 -14.45 11.88 -27.20
N THR A 36 -14.70 10.65 -27.64
CA THR A 36 -15.34 9.62 -26.84
C THR A 36 -14.44 8.38 -26.78
N VAL A 37 -14.22 7.88 -25.58
CA VAL A 37 -13.41 6.68 -25.38
C VAL A 37 -14.23 5.46 -25.75
N ASN A 38 -13.67 4.63 -26.62
CA ASN A 38 -14.26 3.35 -27.03
C ASN A 38 -13.36 2.25 -26.49
N LEU A 39 -13.91 1.36 -25.65
CA LEU A 39 -13.15 0.21 -25.18
C LEU A 39 -13.86 -1.08 -25.59
N THR A 40 -13.07 -2.02 -26.09
CA THR A 40 -13.57 -3.29 -26.63
C THR A 40 -13.00 -4.46 -25.85
N TRP A 41 -13.89 -5.31 -25.33
CA TRP A 41 -13.48 -6.56 -24.70
C TRP A 41 -13.22 -7.63 -25.74
N SER A 42 -12.20 -8.45 -25.50
CA SER A 42 -11.84 -9.55 -26.38
C SER A 42 -11.15 -10.63 -25.58
N ARG A 43 -11.10 -11.83 -26.15
CA ARG A 43 -10.33 -12.92 -25.59
C ARG A 43 -9.10 -13.19 -26.45
N ALA A 44 -8.12 -13.88 -25.86
CA ALA A 44 -7.04 -14.44 -26.66
C ALA A 44 -7.51 -15.66 -27.45
N SER A 45 -8.38 -16.47 -26.85
CA SER A 45 -8.87 -17.68 -27.52
C SER A 45 -9.83 -17.34 -28.66
N GLY A 46 -10.53 -16.22 -28.56
CA GLY A 46 -11.46 -15.78 -29.58
C GLY A 46 -12.90 -16.13 -29.31
N LYS A 47 -13.19 -16.77 -28.18
CA LYS A 47 -14.54 -17.13 -27.81
C LYS A 47 -15.38 -15.88 -27.52
N PRO A 48 -16.71 -15.99 -27.66
CA PRO A 48 -17.62 -14.89 -27.30
C PRO A 48 -17.36 -14.27 -25.93
N VAL A 49 -17.61 -12.96 -25.84
CA VAL A 49 -17.59 -12.20 -24.59
C VAL A 49 -19.00 -11.74 -24.26
N ASN A 50 -19.36 -11.84 -22.98
CA ASN A 50 -20.66 -11.38 -22.48
C ASN A 50 -20.81 -9.86 -22.57
N HIS A 51 -22.05 -9.41 -22.38
CA HIS A 51 -22.36 -7.98 -22.31
C HIS A 51 -21.64 -7.31 -21.14
N SER A 52 -21.08 -6.14 -21.43
CA SER A 52 -20.28 -5.37 -20.49
C SER A 52 -21.01 -4.11 -20.07
N THR A 53 -20.88 -3.76 -18.80
CA THR A 53 -21.40 -2.49 -18.31
C THR A 53 -20.37 -1.39 -18.56
N ARG A 54 -20.84 -0.15 -18.69
CA ARG A 54 -19.91 0.94 -18.94
C ARG A 54 -20.38 2.17 -18.18
N LYS A 55 -19.45 2.80 -17.45
CA LYS A 55 -19.75 3.93 -16.57
C LYS A 55 -18.77 5.07 -16.82
N GLU A 56 -19.30 6.28 -16.98
CA GLU A 56 -18.49 7.48 -17.11
C GLU A 56 -18.77 8.40 -15.93
N GLU A 57 -17.72 8.84 -15.25
CA GLU A 57 -17.86 9.73 -14.11
C GLU A 57 -16.81 10.83 -14.22
N LYS A 58 -17.23 12.06 -13.91
CA LYS A 58 -16.31 13.19 -13.88
C LYS A 58 -15.79 13.34 -12.46
N GLN A 59 -14.47 13.46 -12.33
CA GLN A 59 -13.85 13.60 -11.02
C GLN A 59 -13.80 15.06 -10.60
N ARG A 60 -13.58 15.28 -9.31
CA ARG A 60 -13.56 16.63 -8.76
C ARG A 60 -12.47 17.49 -9.36
N ASN A 61 -11.33 16.90 -9.72
CA ASN A 61 -10.21 17.63 -10.28
C ASN A 61 -10.31 17.82 -11.78
N GLY A 62 -11.44 17.44 -12.38
CA GLY A 62 -11.66 17.59 -13.80
C GLY A 62 -11.21 16.42 -14.64
N THR A 63 -10.76 15.34 -14.02
CA THR A 63 -10.44 14.11 -14.74
C THR A 63 -11.71 13.32 -15.05
N LEU A 64 -11.74 12.74 -16.25
CA LEU A 64 -12.79 11.79 -16.62
C LEU A 64 -12.26 10.37 -16.44
N THR A 65 -13.07 9.51 -15.83
CA THR A 65 -12.78 8.08 -15.73
C THR A 65 -13.86 7.29 -16.46
N VAL A 66 -13.43 6.29 -17.22
CA VAL A 66 -14.33 5.37 -17.90
C VAL A 66 -14.09 3.99 -17.32
N THR A 67 -15.14 3.40 -16.76
CA THR A 67 -15.07 2.12 -16.08
C THR A 67 -16.00 1.16 -16.79
N SER A 68 -15.47 0.02 -17.24
CA SER A 68 -16.29 -1.02 -17.81
C SER A 68 -16.02 -2.33 -17.09
N THR A 69 -17.08 -3.09 -16.84
CA THR A 69 -17.01 -4.32 -16.08
C THR A 69 -17.66 -5.44 -16.89
N LEU A 70 -16.98 -6.58 -16.96
CA LEU A 70 -17.45 -7.73 -17.73
C LEU A 70 -17.67 -8.92 -16.81
N PRO A 71 -18.86 -9.51 -16.78
CA PRO A 71 -19.01 -10.82 -16.13
C PRO A 71 -18.38 -11.91 -16.97
N VAL A 72 -17.54 -12.72 -16.34
CA VAL A 72 -16.78 -13.76 -17.04
C VAL A 72 -17.22 -15.13 -16.54
N GLY A 73 -16.97 -16.14 -17.37
CA GLY A 73 -17.33 -17.51 -17.02
C GLY A 73 -16.49 -18.04 -15.88
N THR A 74 -17.14 -18.70 -14.91
CA THR A 74 -16.43 -19.26 -13.76
C THR A 74 -15.40 -20.31 -14.18
N ARG A 75 -15.81 -21.28 -15.00
CA ARG A 75 -14.88 -22.31 -15.46
C ARG A 75 -13.80 -21.73 -16.36
N ASP A 76 -14.17 -20.80 -17.26
CA ASP A 76 -13.22 -20.25 -18.21
C ASP A 76 -12.04 -19.60 -17.48
N TRP A 77 -12.31 -18.77 -16.46
CA TRP A 77 -11.23 -18.10 -15.74
C TRP A 77 -10.34 -19.11 -15.02
N ILE A 78 -10.95 -20.05 -14.29
CA ILE A 78 -10.20 -21.03 -13.52
C ILE A 78 -9.23 -21.81 -14.41
N GLU A 79 -9.66 -22.13 -15.63
CA GLU A 79 -8.83 -22.89 -16.56
C GLU A 79 -7.92 -22.00 -17.41
N GLY A 80 -7.68 -20.76 -16.98
CA GLY A 80 -6.60 -19.96 -17.52
C GLY A 80 -6.93 -19.15 -18.76
N GLU A 81 -8.19 -18.79 -18.95
CA GLU A 81 -8.55 -17.93 -20.06
C GLU A 81 -7.89 -16.55 -19.92
N THR A 82 -7.66 -15.90 -21.05
CA THR A 82 -6.98 -14.61 -21.10
C THR A 82 -7.92 -13.58 -21.73
N TYR A 83 -8.22 -12.52 -20.99
CA TYR A 83 -9.14 -11.48 -21.42
C TYR A 83 -8.35 -10.20 -21.69
N GLN A 84 -8.70 -9.50 -22.77
CA GLN A 84 -8.00 -8.31 -23.19
C GLN A 84 -8.96 -7.14 -23.34
N CYS A 85 -8.60 -6.01 -22.75
CA CYS A 85 -9.32 -4.75 -22.88
C CYS A 85 -8.51 -3.83 -23.80
N ARG A 86 -9.09 -3.44 -24.93
CA ARG A 86 -8.42 -2.58 -25.90
C ARG A 86 -9.16 -1.24 -26.01
N VAL A 87 -8.44 -0.14 -25.83
CA VAL A 87 -9.01 1.19 -25.64
C VAL A 87 -8.72 2.06 -26.86
N THR A 88 -9.77 2.59 -27.48
CA THR A 88 -9.66 3.49 -28.62
C THR A 88 -10.24 4.85 -28.27
N HIS A 89 -9.52 5.91 -28.64
CA HIS A 89 -9.97 7.29 -28.57
C HIS A 89 -9.30 8.05 -29.72
N PRO A 90 -9.97 9.07 -30.29
CA PRO A 90 -9.43 9.67 -31.52
C PRO A 90 -8.18 10.52 -31.31
N HIS A 91 -8.02 11.14 -30.14
CA HIS A 91 -6.83 11.92 -29.84
C HIS A 91 -5.75 11.10 -29.15
N LEU A 92 -5.93 9.77 -29.05
CA LEU A 92 -4.88 8.85 -28.64
C LEU A 92 -4.12 8.36 -29.87
N PRO A 93 -2.78 8.36 -29.88
CA PRO A 93 -2.06 7.95 -31.09
C PRO A 93 -2.21 6.47 -31.44
N ARG A 94 -2.12 5.58 -30.46
CA ARG A 94 -2.28 4.16 -30.72
C ARG A 94 -3.02 3.51 -29.56
N ALA A 95 -3.85 2.53 -29.89
CA ALA A 95 -4.75 1.94 -28.90
C ALA A 95 -3.97 1.32 -27.74
N LEU A 96 -4.50 1.52 -26.53
CA LEU A 96 -3.93 0.93 -25.33
C LEU A 96 -4.55 -0.45 -25.13
N MET A 97 -3.72 -1.44 -24.83
CA MET A 97 -4.19 -2.79 -24.65
C MET A 97 -3.69 -3.30 -23.31
N ARG A 98 -4.61 -3.87 -22.54
CA ARG A 98 -4.30 -4.50 -21.27
C ARG A 98 -4.90 -5.89 -21.28
N SER A 99 -4.26 -6.83 -20.61
CA SER A 99 -4.75 -8.19 -20.58
C SER A 99 -4.56 -8.77 -19.19
N THR A 100 -5.32 -9.83 -18.91
CA THR A 100 -5.40 -10.38 -17.57
C THR A 100 -5.70 -11.88 -17.66
N THR A 101 -5.22 -12.61 -16.66
CA THR A 101 -5.49 -14.04 -16.56
C THR A 101 -5.13 -14.48 -15.15
N LYS A 102 -5.58 -15.68 -14.78
CA LYS A 102 -5.25 -16.22 -13.48
C LYS A 102 -3.73 -16.32 -13.31
N THR A 103 -3.25 -15.88 -12.15
CA THR A 103 -1.84 -15.94 -11.84
C THR A 103 -1.42 -17.40 -11.61
N SER A 104 -0.41 -17.84 -12.36
CA SER A 104 0.14 -19.18 -12.20
C SER A 104 1.07 -19.24 -10.99
N GLY A 105 1.55 -20.44 -10.69
CA GLY A 105 2.48 -20.63 -9.60
C GLY A 105 1.87 -21.36 -8.42
N PRO A 106 2.69 -21.65 -7.41
CA PRO A 106 2.22 -22.41 -6.25
C PRO A 106 1.08 -21.71 -5.51
N ARG A 107 0.43 -22.48 -4.63
CA ARG A 107 -0.79 -22.08 -3.94
C ARG A 107 -0.61 -22.37 -2.46
N ALA A 108 -1.05 -21.45 -1.60
CA ALA A 108 -0.83 -21.60 -0.17
C ALA A 108 -2.01 -21.01 0.61
N ALA A 109 -2.51 -21.78 1.57
CA ALA A 109 -3.67 -21.36 2.35
C ALA A 109 -3.30 -20.26 3.34
N PRO A 110 -4.13 -19.23 3.46
CA PRO A 110 -3.93 -18.23 4.52
C PRO A 110 -4.03 -18.84 5.91
N GLU A 111 -3.35 -18.20 6.85
CA GLU A 111 -3.58 -18.38 8.27
C GLU A 111 -4.10 -17.07 8.84
N VAL A 112 -5.14 -17.14 9.67
CA VAL A 112 -5.85 -15.96 10.15
C VAL A 112 -5.71 -15.89 11.66
N TYR A 113 -5.31 -14.72 12.16
CA TYR A 113 -5.16 -14.46 13.59
C TYR A 113 -5.83 -13.12 13.86
N ALA A 114 -6.72 -13.08 14.85
CA ALA A 114 -7.48 -11.87 15.15
C ALA A 114 -7.25 -11.44 16.60
N PHE A 115 -7.05 -10.12 16.78
CA PHE A 115 -6.70 -9.55 18.08
C PHE A 115 -7.58 -8.35 18.41
N ALA A 116 -7.58 -7.99 19.70
CA ALA A 116 -8.31 -6.85 20.22
C ALA A 116 -7.34 -5.95 20.97
N THR A 117 -7.26 -4.69 20.55
CA THR A 117 -6.36 -3.73 21.19
C THR A 117 -6.82 -3.42 22.62
N PRO A 118 -5.89 -3.09 23.51
CA PRO A 118 -6.30 -2.61 24.85
C PRO A 118 -7.12 -1.34 24.79
N GLU A 119 -7.94 -1.15 25.84
CA GLU A 119 -8.73 0.06 26.03
C GLU A 119 -7.84 1.28 26.29
N TRP A 120 -8.21 2.42 25.70
CA TRP A 120 -7.42 3.63 25.87
C TRP A 120 -8.32 4.81 26.27
N PRO A 121 -7.85 5.68 27.18
CA PRO A 121 -8.66 6.85 27.57
C PRO A 121 -9.06 7.68 26.36
N GLY A 122 -10.34 8.05 26.27
CA GLY A 122 -10.80 8.81 25.13
C GLY A 122 -11.71 8.00 24.24
N SER A 123 -11.63 6.68 24.34
CA SER A 123 -12.38 5.75 23.52
C SER A 123 -12.77 4.54 24.35
N ARG A 124 -13.66 4.74 25.33
CA ARG A 124 -14.24 3.65 26.08
C ARG A 124 -15.60 3.26 25.54
N ASP A 125 -16.08 3.94 24.50
CA ASP A 125 -17.27 3.52 23.78
C ASP A 125 -16.95 2.89 22.44
N LYS A 126 -15.68 2.77 22.08
CA LYS A 126 -15.27 2.02 20.90
C LYS A 126 -13.90 1.38 21.16
N ARG A 127 -13.65 0.28 20.45
CA ARG A 127 -12.40 -0.45 20.54
C ARG A 127 -11.94 -0.78 19.13
N THR A 128 -10.63 -0.95 18.97
CA THR A 128 -10.03 -1.22 17.67
C THR A 128 -9.76 -2.71 17.56
N LEU A 129 -10.30 -3.34 16.52
CA LEU A 129 -10.05 -4.74 16.25
C LEU A 129 -9.08 -4.90 15.09
N ALA A 130 -8.13 -5.82 15.23
CA ALA A 130 -7.03 -5.99 14.30
C ALA A 130 -6.91 -7.47 13.93
N CYS A 131 -6.89 -7.75 12.63
CA CYS A 131 -6.81 -9.11 12.11
C CYS A 131 -5.60 -9.24 11.19
N LEU A 132 -4.82 -10.29 11.39
CA LEU A 132 -3.64 -10.58 10.58
C LEU A 132 -3.89 -11.80 9.72
N ILE A 133 -3.70 -11.65 8.41
CA ILE A 133 -3.82 -12.73 7.45
C ILE A 133 -2.47 -12.88 6.76
N GLN A 134 -1.87 -14.06 6.84
CA GLN A 134 -0.49 -14.24 6.41
C GLN A 134 -0.29 -15.67 5.94
N ASN A 135 0.84 -15.89 5.26
CA ASN A 135 1.36 -17.18 4.82
C ASN A 135 0.67 -17.70 3.56
N PHE A 136 0.00 -16.84 2.81
CA PHE A 136 -0.73 -17.26 1.63
C PHE A 136 -0.05 -16.78 0.35
N MET A 137 -0.44 -17.42 -0.75
CA MET A 137 -0.13 -16.96 -2.09
C MET A 137 -1.09 -17.65 -3.05
N PRO A 138 -1.36 -17.06 -4.23
CA PRO A 138 -1.08 -15.73 -4.80
C PRO A 138 -1.57 -14.52 -3.99
N GLU A 139 -1.22 -13.34 -4.50
CA GLU A 139 -1.51 -12.09 -3.81
C GLU A 139 -3.01 -11.85 -3.61
N ASP A 140 -3.84 -12.30 -4.56
CA ASP A 140 -5.28 -12.04 -4.50
C ASP A 140 -5.94 -12.61 -3.24
N ILE A 141 -6.50 -11.74 -2.41
CA ILE A 141 -7.28 -12.15 -1.24
C ILE A 141 -8.35 -11.11 -0.97
N SER A 142 -9.46 -11.55 -0.38
CA SER A 142 -10.53 -10.69 0.09
C SER A 142 -10.78 -10.96 1.57
N VAL A 143 -10.79 -9.89 2.38
CA VAL A 143 -10.94 -9.97 3.83
C VAL A 143 -12.28 -9.37 4.23
N GLN A 144 -12.99 -10.05 5.13
CA GLN A 144 -14.37 -9.70 5.48
C GLN A 144 -14.57 -9.80 6.98
N TRP A 145 -15.50 -8.99 7.49
CA TRP A 145 -15.82 -8.92 8.92
C TRP A 145 -17.30 -9.21 9.13
N LEU A 146 -17.61 -10.17 10.01
CA LEU A 146 -18.98 -10.62 10.25
C LEU A 146 -19.35 -10.43 11.72
N HIS A 147 -20.56 -9.95 11.96
CA HIS A 147 -21.07 -9.74 13.30
C HIS A 147 -22.53 -10.16 13.40
N ASN A 148 -22.83 -10.96 14.42
CA ASN A 148 -24.16 -11.53 14.62
C ASN A 148 -24.64 -12.23 13.35
N GLU A 149 -23.71 -12.93 12.68
CA GLU A 149 -23.97 -13.72 11.48
C GLU A 149 -24.35 -12.88 10.26
N VAL A 150 -24.00 -11.60 10.24
CA VAL A 150 -24.29 -10.74 9.10
C VAL A 150 -23.01 -9.97 8.75
N GLN A 151 -22.68 -9.95 7.46
CA GLN A 151 -21.46 -9.27 7.02
C GLN A 151 -21.60 -7.75 7.19
N LEU A 152 -20.60 -7.14 7.80
CA LEU A 152 -20.55 -5.69 7.93
C LEU A 152 -20.28 -5.03 6.57
N PRO A 153 -20.81 -3.81 6.36
CA PRO A 153 -20.39 -3.00 5.20
C PRO A 153 -18.88 -2.91 5.09
N ASP A 154 -18.41 -2.83 3.83
CA ASP A 154 -16.98 -2.72 3.57
C ASP A 154 -16.36 -1.48 4.18
N ALA A 155 -17.11 -0.37 4.24
CA ALA A 155 -16.56 0.88 4.73
C ALA A 155 -16.20 0.83 6.21
N ARG A 156 -16.78 -0.11 6.97
CA ARG A 156 -16.49 -0.18 8.39
C ARG A 156 -15.03 -0.48 8.66
N HIS A 157 -14.35 -1.18 7.76
CA HIS A 157 -12.98 -1.64 7.98
C HIS A 157 -12.07 -1.18 6.84
N SER A 158 -10.77 -1.26 7.09
CA SER A 158 -9.74 -0.96 6.10
C SER A 158 -8.68 -2.06 6.13
N THR A 159 -8.27 -2.52 4.95
CA THR A 159 -7.39 -3.68 4.84
C THR A 159 -6.16 -3.30 4.01
N THR A 160 -4.98 -3.59 4.54
CA THR A 160 -3.72 -3.21 3.88
C THR A 160 -3.54 -3.94 2.55
N GLN A 161 -2.80 -3.30 1.66
CA GLN A 161 -2.40 -3.94 0.41
C GLN A 161 -1.48 -5.13 0.68
N PRO A 162 -1.59 -6.21 -0.09
CA PRO A 162 -0.72 -7.38 0.12
C PRO A 162 0.75 -7.03 -0.12
N ARG A 163 1.63 -7.61 0.70
CA ARG A 163 3.05 -7.37 0.56
C ARG A 163 3.86 -8.60 0.99
N LYS A 164 5.03 -8.77 0.36
CA LYS A 164 5.87 -9.95 0.47
C LYS A 164 6.53 -10.07 1.85
N THR A 165 6.89 -11.31 2.21
CA THR A 165 7.65 -11.60 3.41
C THR A 165 9.01 -12.23 3.12
N LYS A 166 9.36 -12.42 1.85
CA LYS A 166 10.65 -12.99 1.45
C LYS A 166 10.82 -14.42 1.96
N GLY A 167 9.88 -15.28 1.55
CA GLY A 167 9.99 -16.71 1.80
C GLY A 167 8.88 -17.32 2.64
N SER A 168 7.87 -16.55 3.06
CA SER A 168 6.78 -17.09 3.86
C SER A 168 5.42 -16.90 3.23
N GLY A 169 5.33 -16.20 2.10
CA GLY A 169 4.06 -15.85 1.49
C GLY A 169 3.69 -14.40 1.74
N PHE A 170 2.59 -13.99 1.12
CA PHE A 170 2.08 -12.64 1.31
C PHE A 170 1.36 -12.52 2.65
N PHE A 171 1.12 -11.27 3.06
CA PHE A 171 0.40 -10.98 4.30
C PHE A 171 -0.38 -9.69 4.16
N VAL A 172 -1.50 -9.61 4.89
CA VAL A 172 -2.33 -8.42 4.99
C VAL A 172 -2.87 -8.30 6.40
N PHE A 173 -3.13 -7.06 6.82
CA PHE A 173 -3.76 -6.73 8.09
C PHE A 173 -5.11 -6.08 7.83
N SER A 174 -6.06 -6.33 8.74
CA SER A 174 -7.36 -5.68 8.69
C SER A 174 -7.62 -4.96 10.01
N ARG A 175 -8.16 -3.75 9.92
CA ARG A 175 -8.46 -2.93 11.09
C ARG A 175 -9.94 -2.54 11.07
N LEU A 176 -10.64 -2.83 12.17
CA LEU A 176 -12.06 -2.54 12.30
C LEU A 176 -12.34 -1.83 13.62
N GLU A 177 -13.18 -0.81 13.58
CA GLU A 177 -13.63 -0.11 14.77
C GLU A 177 -15.05 -0.55 15.11
N VAL A 178 -15.25 -1.09 16.31
CA VAL A 178 -16.53 -1.57 16.78
C VAL A 178 -16.97 -0.73 17.98
N THR A 179 -18.26 -0.44 18.06
CA THR A 179 -18.80 0.38 19.14
C THR A 179 -19.25 -0.48 20.31
N ARG A 180 -19.48 0.20 21.45
CA ARG A 180 -19.93 -0.48 22.67
C ARG A 180 -21.29 -1.14 22.45
N ALA A 181 -22.21 -0.43 21.78
CA ALA A 181 -23.53 -1.00 21.51
C ALA A 181 -23.44 -2.32 20.77
N GLU A 182 -22.51 -2.42 19.81
CA GLU A 182 -22.34 -3.66 19.06
C GLU A 182 -21.86 -4.80 19.95
N TRP A 183 -20.84 -4.57 20.78
CA TRP A 183 -20.37 -5.67 21.62
C TRP A 183 -21.34 -5.96 22.77
N GLU A 184 -22.02 -4.94 23.30
CA GLU A 184 -23.08 -5.22 24.26
C GLU A 184 -24.18 -6.05 23.62
N GLN A 185 -24.50 -5.76 22.35
CA GLN A 185 -25.48 -6.55 21.61
C GLN A 185 -25.00 -8.00 21.47
N LYS A 186 -23.81 -8.20 20.90
CA LYS A 186 -23.25 -9.55 20.81
C LYS A 186 -21.75 -9.44 20.73
N ASP A 187 -21.06 -10.07 21.69
CA ASP A 187 -19.61 -10.00 21.81
C ASP A 187 -18.94 -11.09 20.98
N GLU A 188 -19.11 -10.99 19.67
CA GLU A 188 -18.40 -11.88 18.76
C GLU A 188 -18.24 -11.18 17.41
N PHE A 189 -16.98 -11.03 16.98
CA PHE A 189 -16.65 -10.41 15.71
C PHE A 189 -15.73 -11.35 14.94
N ILE A 190 -16.07 -11.60 13.68
CA ILE A 190 -15.48 -12.70 12.92
C ILE A 190 -14.69 -12.13 11.74
N CYS A 191 -13.41 -12.47 11.67
CA CYS A 191 -12.53 -12.09 10.57
C CYS A 191 -12.39 -13.27 9.63
N ARG A 192 -12.82 -13.11 8.38
CA ARG A 192 -12.90 -14.19 7.42
C ARG A 192 -12.14 -13.82 6.15
N ALA A 193 -11.33 -14.75 5.65
CA ALA A 193 -10.54 -14.55 4.44
C ALA A 193 -11.01 -15.51 3.35
N VAL A 194 -11.21 -14.98 2.16
CA VAL A 194 -11.58 -15.79 1.00
C VAL A 194 -10.35 -15.90 0.11
N HIS A 195 -9.94 -17.12 -0.22
CA HIS A 195 -8.75 -17.31 -1.04
C HIS A 195 -8.78 -18.68 -1.73
N GLU A 196 -8.10 -18.77 -2.88
CA GLU A 196 -8.13 -19.96 -3.73
C GLU A 196 -7.75 -21.22 -2.98
N ALA A 197 -6.65 -21.18 -2.21
CA ALA A 197 -6.06 -22.38 -1.65
C ALA A 197 -6.59 -22.71 -0.26
N ALA A 198 -7.54 -21.94 0.24
CA ALA A 198 -8.20 -22.28 1.49
C ALA A 198 -9.10 -23.49 1.29
N SER A 199 -9.25 -24.27 2.35
CA SER A 199 -10.00 -25.51 2.34
C SER A 199 -10.83 -25.58 3.62
N PRO A 200 -12.06 -26.10 3.57
CA PRO A 200 -12.66 -26.86 2.47
C PRO A 200 -13.44 -26.03 1.45
N SER A 201 -14.00 -24.89 1.85
CA SER A 201 -14.87 -24.11 0.98
C SER A 201 -14.28 -22.75 0.61
N GLN A 202 -12.96 -22.66 0.51
CA GLN A 202 -12.25 -21.46 0.04
C GLN A 202 -12.37 -20.30 1.03
N THR A 203 -12.66 -20.58 2.30
CA THR A 203 -12.76 -19.57 3.33
C THR A 203 -12.13 -20.11 4.61
N VAL A 204 -11.45 -19.22 5.34
CA VAL A 204 -10.92 -19.52 6.67
C VAL A 204 -11.22 -18.31 7.55
N GLN A 205 -11.53 -18.54 8.81
CA GLN A 205 -11.94 -17.44 9.68
C GLN A 205 -11.53 -17.70 11.13
N ARG A 206 -11.51 -16.61 11.90
CA ARG A 206 -11.26 -16.65 13.33
C ARG A 206 -12.11 -15.58 14.00
N ALA A 207 -12.71 -15.94 15.14
CA ALA A 207 -13.52 -15.01 15.91
C ALA A 207 -12.69 -14.39 17.03
N VAL A 208 -12.95 -13.11 17.30
CA VAL A 208 -12.34 -12.40 18.42
C VAL A 208 -13.44 -11.72 19.22
N SER A 209 -13.20 -11.56 20.53
CA SER A 209 -14.16 -10.95 21.44
C SER A 209 -13.45 -9.89 22.28
N VAL A 210 -14.17 -8.79 22.56
CA VAL A 210 -13.59 -7.70 23.32
C VAL A 210 -13.21 -8.17 24.72
N ASN A 211 -14.15 -8.75 25.46
CA ASN A 211 -13.87 -9.22 26.81
C ASN A 211 -13.86 -10.74 26.84
N PRO A 212 -12.76 -11.37 27.30
CA PRO A 212 -12.69 -12.83 27.43
C PRO A 212 -13.50 -13.35 28.60
N ARG B 1 4.67 11.09 -20.36
CA ARG B 1 5.45 11.12 -21.59
C ARG B 1 6.51 10.01 -21.57
N GLY B 2 6.21 8.92 -20.88
CA GLY B 2 7.15 7.83 -20.70
C GLY B 2 8.17 8.04 -19.60
N VAL B 3 8.35 9.27 -19.12
CA VAL B 3 9.22 9.59 -18.01
C VAL B 3 8.35 10.11 -16.87
N SER B 4 8.75 9.79 -15.64
CA SER B 4 8.03 10.22 -14.46
C SER B 4 9.03 10.58 -13.37
N ALA B 5 8.67 11.58 -12.56
CA ALA B 5 9.56 12.10 -11.53
C ALA B 5 8.80 12.26 -10.23
N TYR B 6 9.51 12.01 -9.12
CA TYR B 6 8.91 11.99 -7.80
C TYR B 6 9.85 12.74 -6.85
N LEU B 7 9.29 13.32 -5.78
CA LEU B 7 10.11 14.05 -4.84
C LEU B 7 9.62 13.79 -3.42
N SER B 8 10.53 13.38 -2.55
CA SER B 8 10.19 12.92 -1.21
C SER B 8 10.24 14.05 -0.18
N ARG B 9 9.83 13.72 1.04
CA ARG B 9 10.09 14.49 2.24
C ARG B 9 11.10 13.76 3.12
N PRO B 10 11.79 14.46 4.03
CA PRO B 10 12.65 13.77 4.97
C PRO B 10 11.90 12.72 5.78
N SER B 11 12.56 11.60 6.05
CA SER B 11 12.01 10.65 6.99
C SER B 11 12.07 11.21 8.41
N PRO B 12 11.13 10.81 9.27
CA PRO B 12 11.23 11.22 10.67
C PRO B 12 12.48 10.71 11.37
N PHE B 13 12.99 9.54 10.98
CA PHE B 13 14.24 9.05 11.55
C PHE B 13 15.42 9.95 11.20
N ASP B 14 15.53 10.36 9.94
CA ASP B 14 16.58 11.30 9.56
C ASP B 14 16.39 12.65 10.25
N LEU B 15 15.16 13.16 10.24
CA LEU B 15 14.91 14.50 10.74
C LEU B 15 15.13 14.63 12.24
N PHE B 16 14.62 13.67 13.03
CA PHE B 16 14.55 13.89 14.48
C PHE B 16 15.52 13.07 15.31
N ILE B 17 16.04 11.96 14.78
CA ILE B 17 16.92 11.07 15.54
C ILE B 17 18.35 11.20 15.04
N ARG B 18 18.57 10.97 13.75
CA ARG B 18 19.87 11.20 13.13
C ARG B 18 20.20 12.69 13.08
N LYS B 19 19.19 13.54 12.89
CA LYS B 19 19.32 15.00 12.91
C LYS B 19 20.13 15.51 11.73
N SER B 20 19.84 14.96 10.55
CA SER B 20 20.44 15.40 9.30
C SER B 20 19.46 15.11 8.16
N PRO B 21 18.33 15.80 8.14
CA PRO B 21 17.31 15.51 7.13
C PRO B 21 17.83 15.67 5.70
N THR B 22 17.29 14.83 4.81
CA THR B 22 17.67 14.82 3.41
C THR B 22 16.42 14.52 2.57
N ILE B 23 16.34 15.15 1.40
CA ILE B 23 15.25 14.94 0.47
C ILE B 23 15.82 14.32 -0.80
N THR B 24 15.11 13.36 -1.36
CA THR B 24 15.58 12.61 -2.51
C THR B 24 14.66 12.84 -3.69
N CYS B 25 15.24 13.25 -4.82
CA CYS B 25 14.52 13.44 -6.08
C CYS B 25 14.79 12.22 -6.97
N LEU B 26 13.71 11.64 -7.50
CA LEU B 26 13.78 10.39 -8.25
C LEU B 26 13.19 10.58 -9.64
N VAL B 27 13.97 10.25 -10.67
CA VAL B 27 13.53 10.31 -12.06
C VAL B 27 13.63 8.91 -12.63
N VAL B 28 12.51 8.37 -13.10
CA VAL B 28 12.44 7.02 -13.65
C VAL B 28 12.21 7.14 -15.15
N ASP B 29 13.16 6.62 -15.93
CA ASP B 29 13.27 6.91 -17.37
C ASP B 29 13.12 5.63 -18.18
N LEU B 30 11.94 5.43 -18.77
CA LEU B 30 11.73 4.31 -19.69
C LEU B 30 12.21 4.69 -21.09
N ALA B 31 12.83 3.72 -21.79
CA ALA B 31 13.48 3.92 -23.09
C ALA B 31 14.55 5.00 -23.02
N PRO B 32 15.62 4.79 -22.23
CA PRO B 32 16.52 5.89 -21.86
C PRO B 32 17.75 6.05 -22.75
N SER B 33 18.61 6.98 -22.35
CA SER B 33 20.00 7.10 -22.78
C SER B 33 20.12 7.88 -24.09
N LYS B 34 19.04 8.54 -24.50
CA LYS B 34 19.13 9.48 -25.60
C LYS B 34 20.07 10.63 -25.28
N GLY B 35 20.01 11.16 -24.06
CA GLY B 35 20.93 12.17 -23.60
C GLY B 35 21.41 11.90 -22.19
N THR B 36 21.66 12.99 -21.46
CA THR B 36 22.04 12.95 -20.05
C THR B 36 21.05 13.80 -19.27
N VAL B 37 20.51 13.25 -18.18
CA VAL B 37 19.57 13.98 -17.35
C VAL B 37 20.31 14.97 -16.45
N ASN B 38 19.91 16.24 -16.52
CA ASN B 38 20.37 17.29 -15.62
C ASN B 38 19.20 17.70 -14.76
N LEU B 39 19.35 17.58 -13.45
CA LEU B 39 18.37 18.09 -12.51
C LEU B 39 19.04 19.08 -11.57
N THR B 40 18.41 20.24 -11.38
CA THR B 40 18.97 21.34 -10.61
C THR B 40 18.08 21.62 -9.41
N TRP B 41 18.68 21.63 -8.23
CA TRP B 41 17.98 21.97 -7.00
C TRP B 41 17.84 23.49 -6.85
N SER B 42 16.70 23.91 -6.34
CA SER B 42 16.43 25.32 -6.11
C SER B 42 15.46 25.47 -4.95
N ARG B 43 15.43 26.66 -4.37
CA ARG B 43 14.44 27.01 -3.35
C ARG B 43 13.42 27.98 -3.91
N ALA B 44 12.29 28.09 -3.19
CA ALA B 44 11.38 29.20 -3.42
C ALA B 44 11.92 30.50 -2.84
N SER B 45 12.60 30.41 -1.68
CA SER B 45 13.09 31.61 -1.01
C SER B 45 14.26 32.24 -1.76
N GLY B 46 15.04 31.43 -2.48
CA GLY B 46 16.16 31.91 -3.26
C GLY B 46 17.48 31.85 -2.53
N LYS B 47 17.49 31.36 -1.29
CA LYS B 47 18.70 31.18 -0.52
C LYS B 47 19.58 30.08 -1.12
N PRO B 48 20.88 30.11 -0.80
CA PRO B 48 21.79 29.03 -1.25
C PRO B 48 21.24 27.63 -1.02
N VAL B 49 21.60 26.72 -1.92
CA VAL B 49 21.28 25.30 -1.83
C VAL B 49 22.56 24.53 -1.56
N ASN B 50 22.49 23.55 -0.66
CA ASN B 50 23.63 22.70 -0.34
C ASN B 50 24.05 21.85 -1.55
N HIS B 51 25.29 21.34 -1.50
CA HIS B 51 25.77 20.40 -2.50
C HIS B 51 24.99 19.09 -2.47
N SER B 52 24.60 18.60 -3.65
CA SER B 52 23.77 17.41 -3.79
C SER B 52 24.57 16.27 -4.42
N THR B 53 24.34 15.05 -3.91
CA THR B 53 24.89 13.82 -4.45
C THR B 53 23.97 13.24 -5.54
N ARG B 54 24.57 12.40 -6.39
CA ARG B 54 23.85 11.81 -7.53
C ARG B 54 24.22 10.35 -7.76
N LYS B 55 23.19 9.51 -7.97
CA LYS B 55 23.36 8.10 -8.29
C LYS B 55 22.45 7.76 -9.48
N GLU B 56 23.03 7.25 -10.56
CA GLU B 56 22.27 6.78 -11.71
C GLU B 56 22.60 5.32 -12.01
N GLU B 57 21.56 4.48 -12.11
CA GLU B 57 21.72 3.05 -12.31
C GLU B 57 20.66 2.48 -13.26
N LYS B 58 21.05 1.44 -14.00
CA LYS B 58 20.16 0.73 -14.92
C LYS B 58 19.39 -0.40 -14.23
N GLN B 59 18.10 -0.50 -14.50
CA GLN B 59 17.26 -1.57 -13.97
C GLN B 59 17.29 -2.80 -14.86
N ARG B 60 16.82 -3.93 -14.30
CA ARG B 60 16.85 -5.21 -15.02
C ARG B 60 16.04 -5.17 -16.31
N ASN B 61 14.95 -4.42 -16.33
CA ASN B 61 14.11 -4.34 -17.51
C ASN B 61 14.59 -3.29 -18.51
N GLY B 62 15.74 -2.66 -18.26
CA GLY B 62 16.31 -1.68 -19.15
C GLY B 62 15.87 -0.26 -18.88
N THR B 63 15.10 -0.04 -17.81
CA THR B 63 14.75 1.31 -17.38
C THR B 63 15.93 1.94 -16.64
N LEU B 64 16.13 3.23 -16.87
CA LEU B 64 17.13 3.99 -16.13
C LEU B 64 16.47 4.73 -14.97
N THR B 65 17.11 4.68 -13.81
CA THR B 65 16.70 5.46 -12.65
C THR B 65 17.82 6.45 -12.34
N VAL B 66 17.45 7.71 -12.15
CA VAL B 66 18.39 8.75 -11.75
C VAL B 66 17.93 9.28 -10.40
N THR B 67 18.81 9.16 -9.39
CA THR B 67 18.49 9.52 -8.02
C THR B 67 19.45 10.59 -7.53
N SER B 68 18.90 11.70 -7.04
CA SER B 68 19.68 12.76 -6.41
C SER B 68 19.13 13.05 -5.03
N THR B 69 20.04 13.30 -4.09
CA THR B 69 19.68 13.52 -2.69
C THR B 69 20.30 14.83 -2.22
N LEU B 70 19.50 15.67 -1.58
CA LEU B 70 19.94 16.97 -1.12
C LEU B 70 19.80 17.06 0.40
N PRO B 71 20.87 17.40 1.13
CA PRO B 71 20.71 17.72 2.56
C PRO B 71 20.05 19.08 2.75
N VAL B 72 19.05 19.12 3.62
CA VAL B 72 18.28 20.35 3.88
C VAL B 72 18.53 20.76 5.32
N GLY B 73 18.35 22.07 5.57
CA GLY B 73 18.54 22.59 6.91
C GLY B 73 17.44 22.12 7.85
N THR B 74 17.84 21.66 9.04
CA THR B 74 16.86 21.26 10.04
C THR B 74 15.95 22.42 10.40
N ARG B 75 16.53 23.59 10.65
CA ARG B 75 15.75 24.79 10.97
C ARG B 75 14.87 25.19 9.79
N ASP B 76 15.43 25.19 8.58
CA ASP B 76 14.70 25.61 7.38
C ASP B 76 13.46 24.76 7.15
N TRP B 77 13.60 23.43 7.23
CA TRP B 77 12.48 22.54 6.94
C TRP B 77 11.35 22.72 7.94
N ILE B 78 11.66 22.67 9.23
CA ILE B 78 10.62 22.78 10.25
C ILE B 78 9.85 24.10 10.09
N GLU B 79 10.54 25.18 9.75
CA GLU B 79 9.92 26.49 9.62
C GLU B 79 9.38 26.74 8.21
N GLY B 80 9.17 25.69 7.41
CA GLY B 80 8.34 25.77 6.22
C GLY B 80 8.99 26.18 4.92
N GLU B 81 10.28 25.94 4.73
CA GLU B 81 10.91 26.20 3.45
C GLU B 81 10.33 25.28 2.38
N THR B 82 10.39 25.74 1.12
CA THR B 82 9.85 25.02 -0.03
C THR B 82 10.98 24.75 -1.00
N TYR B 83 11.22 23.48 -1.31
CA TYR B 83 12.30 23.03 -2.18
C TYR B 83 11.75 22.49 -3.48
N GLN B 84 12.43 22.79 -4.58
CA GLN B 84 12.00 22.35 -5.91
C GLN B 84 13.12 21.59 -6.60
N CYS B 85 12.76 20.44 -7.16
CA CYS B 85 13.66 19.65 -8.00
C CYS B 85 13.24 19.85 -9.45
N ARG B 86 14.15 20.37 -10.27
CA ARG B 86 13.88 20.66 -11.67
C ARG B 86 14.68 19.73 -12.58
N VAL B 87 13.98 19.04 -13.48
CA VAL B 87 14.54 17.94 -14.26
C VAL B 87 14.67 18.37 -15.71
N THR B 88 15.89 18.33 -16.24
CA THR B 88 16.17 18.62 -17.64
C THR B 88 16.70 17.38 -18.32
N HIS B 89 16.17 17.08 -19.51
CA HIS B 89 16.69 16.01 -20.34
C HIS B 89 16.45 16.42 -21.79
N PRO B 90 17.32 16.03 -22.72
CA PRO B 90 17.21 16.59 -24.07
C PRO B 90 15.98 16.13 -24.83
N HIS B 91 15.45 14.94 -24.53
CA HIS B 91 14.25 14.45 -25.20
C HIS B 91 12.97 14.82 -24.45
N LEU B 92 13.06 15.66 -23.42
CA LEU B 92 11.84 16.21 -22.83
C LEU B 92 11.47 17.53 -23.50
N PRO B 93 10.23 17.72 -23.92
CA PRO B 93 9.85 19.01 -24.51
C PRO B 93 9.90 20.15 -23.52
N ARG B 94 9.49 19.90 -22.28
CA ARG B 94 9.50 20.91 -21.22
C ARG B 94 9.98 20.26 -19.92
N ALA B 95 10.76 21.01 -19.16
CA ALA B 95 11.35 20.48 -17.93
C ALA B 95 10.28 20.06 -16.92
N LEU B 96 10.52 18.95 -16.23
CA LEU B 96 9.64 18.48 -15.17
C LEU B 96 10.05 19.09 -13.84
N MET B 97 9.04 19.53 -13.09
CA MET B 97 9.28 20.20 -11.81
C MET B 97 8.44 19.54 -10.72
N ARG B 98 9.06 19.23 -9.60
CA ARG B 98 8.40 18.75 -8.40
C ARG B 98 8.89 19.62 -7.24
N SER B 99 8.01 19.83 -6.26
CA SER B 99 8.36 20.66 -5.12
C SER B 99 7.80 20.05 -3.84
N THR B 100 8.37 20.46 -2.72
CA THR B 100 8.09 19.83 -1.43
C THR B 100 8.26 20.83 -0.29
N THR B 101 7.49 20.63 0.76
CA THR B 101 7.55 21.37 2.01
C THR B 101 6.77 20.55 3.03
N LYS B 102 6.99 20.84 4.31
CA LYS B 102 6.28 20.11 5.35
C LYS B 102 4.77 20.25 5.16
N THR B 103 4.06 19.15 5.34
CA THR B 103 2.61 19.15 5.23
C THR B 103 1.99 19.94 6.38
N SER B 104 1.07 20.84 6.05
CA SER B 104 0.34 21.63 7.03
C SER B 104 -0.74 20.79 7.70
N GLY B 105 -1.43 21.39 8.69
CA GLY B 105 -2.56 20.78 9.34
C GLY B 105 -2.32 20.31 10.76
N PRO B 106 -3.41 19.90 11.42
CA PRO B 106 -3.32 19.44 12.81
C PRO B 106 -2.47 18.18 12.95
N ARG B 107 -2.03 17.92 14.18
CA ARG B 107 -1.05 16.88 14.48
C ARG B 107 -1.43 16.09 15.74
N ALA B 108 -1.20 14.78 15.69
CA ALA B 108 -1.61 13.86 16.76
C ALA B 108 -0.56 12.76 16.94
N ALA B 109 -0.21 12.49 18.19
CA ALA B 109 0.83 11.51 18.53
C ALA B 109 0.33 10.08 18.30
N PRO B 110 1.18 9.20 17.76
CA PRO B 110 0.83 7.77 17.65
C PRO B 110 0.55 7.08 18.98
N GLU B 111 -0.24 6.01 18.88
CA GLU B 111 -0.35 4.97 19.90
C GLU B 111 0.21 3.68 19.34
N VAL B 112 1.00 2.97 20.14
CA VAL B 112 1.72 1.78 19.69
C VAL B 112 1.26 0.57 20.49
N TYR B 113 0.90 -0.50 19.78
CA TYR B 113 0.50 -1.77 20.37
C TYR B 113 1.26 -2.88 19.67
N ALA B 114 1.90 -3.74 20.46
CA ALA B 114 2.74 -4.81 19.94
C ALA B 114 2.23 -6.16 20.40
N PHE B 115 2.19 -7.12 19.48
CA PHE B 115 1.62 -8.43 19.73
C PHE B 115 2.58 -9.52 19.27
N ALA B 116 2.33 -10.72 19.77
CA ALA B 116 3.09 -11.91 19.42
C ALA B 116 2.11 -12.94 18.88
N THR B 117 2.35 -13.40 17.65
CA THR B 117 1.45 -14.38 17.05
C THR B 117 1.53 -15.70 17.80
N PRO B 118 0.44 -16.46 17.80
CA PRO B 118 0.48 -17.83 18.34
C PRO B 118 1.47 -18.70 17.58
N GLU B 119 1.86 -19.80 18.22
CA GLU B 119 2.69 -20.79 17.56
C GLU B 119 1.99 -21.31 16.31
N TRP B 120 2.76 -21.55 15.26
CA TRP B 120 2.23 -22.04 14.02
C TRP B 120 2.96 -23.32 13.64
N PRO B 121 2.24 -24.37 13.24
CA PRO B 121 2.89 -25.63 12.83
C PRO B 121 3.91 -25.46 11.71
N GLY B 122 5.03 -26.17 11.85
CA GLY B 122 6.05 -26.17 10.83
C GLY B 122 7.40 -25.62 11.24
N SER B 123 7.45 -24.78 12.25
CA SER B 123 8.74 -24.27 12.72
C SER B 123 8.68 -23.94 14.20
N ARG B 124 9.57 -24.54 14.97
CA ARG B 124 9.73 -24.25 16.38
C ARG B 124 10.81 -23.21 16.61
N ASP B 125 11.47 -22.78 15.55
CA ASP B 125 12.54 -21.80 15.62
C ASP B 125 12.13 -20.41 15.13
N LYS B 126 10.87 -20.18 14.81
CA LYS B 126 10.46 -18.84 14.41
C LYS B 126 9.07 -18.49 14.94
N ARG B 127 8.88 -17.20 15.20
CA ARG B 127 7.60 -16.62 15.62
C ARG B 127 7.46 -15.28 14.91
N THR B 128 6.21 -14.87 14.69
CA THR B 128 5.91 -13.61 14.03
C THR B 128 5.49 -12.58 15.06
N LEU B 129 6.17 -11.43 15.05
CA LEU B 129 5.80 -10.31 15.91
C LEU B 129 5.12 -9.23 15.08
N ALA B 130 4.04 -8.67 15.63
CA ALA B 130 3.18 -7.74 14.92
C ALA B 130 2.98 -6.49 15.77
N CYS B 131 3.23 -5.32 15.19
CA CYS B 131 3.11 -4.05 15.89
C CYS B 131 2.14 -3.16 15.14
N LEU B 132 1.21 -2.55 15.89
CA LEU B 132 0.22 -1.64 15.33
C LEU B 132 0.54 -0.22 15.79
N ILE B 133 0.70 0.68 14.82
CA ILE B 133 0.95 2.10 15.07
C ILE B 133 -0.19 2.86 14.43
N GLN B 134 -0.93 3.62 15.23
CA GLN B 134 -2.18 4.18 14.75
C GLN B 134 -2.48 5.49 15.46
N ASN B 135 -3.46 6.21 14.91
CA ASN B 135 -4.08 7.40 15.50
C ASN B 135 -3.23 8.64 15.37
N PHE B 136 -2.28 8.64 14.43
CA PHE B 136 -1.38 9.75 14.21
C PHE B 136 -1.72 10.49 12.92
N MET B 137 -1.23 11.72 12.85
CA MET B 137 -1.20 12.50 11.62
C MET B 137 -0.19 13.63 11.81
N PRO B 138 0.40 14.14 10.72
CA PRO B 138 0.44 13.71 9.32
C PRO B 138 0.92 12.28 9.07
N GLU B 139 0.85 11.90 7.79
CA GLU B 139 1.18 10.55 7.34
C GLU B 139 2.64 10.17 7.63
N ASP B 140 3.56 11.14 7.59
CA ASP B 140 5.00 10.86 7.73
C ASP B 140 5.35 10.15 9.04
N ILE B 141 5.86 8.91 8.96
CA ILE B 141 6.28 8.16 10.13
C ILE B 141 7.42 7.21 9.76
N SER B 142 8.28 6.91 10.74
CA SER B 142 9.31 5.89 10.62
C SER B 142 9.16 4.89 11.77
N VAL B 143 9.11 3.60 11.43
CA VAL B 143 8.92 2.52 12.41
C VAL B 143 10.18 1.65 12.46
N GLN B 144 10.60 1.30 13.69
CA GLN B 144 11.86 0.61 13.93
C GLN B 144 11.67 -0.48 14.99
N TRP B 145 12.50 -1.52 14.91
CA TRP B 145 12.47 -2.66 15.82
C TRP B 145 13.81 -2.82 16.51
N LEU B 146 13.80 -2.92 17.84
CA LEU B 146 15.02 -3.00 18.65
C LEU B 146 15.02 -4.28 19.48
N HIS B 147 16.17 -4.96 19.48
CA HIS B 147 16.40 -6.18 20.25
C HIS B 147 17.82 -6.15 20.78
N ASN B 148 17.99 -6.55 22.04
CA ASN B 148 19.28 -6.45 22.74
C ASN B 148 19.79 -5.01 22.72
N GLU B 149 18.84 -4.07 22.82
CA GLU B 149 19.08 -2.64 22.92
C GLU B 149 19.70 -2.06 21.65
N VAL B 150 19.58 -2.75 20.51
CA VAL B 150 20.18 -2.30 19.26
C VAL B 150 19.18 -2.44 18.12
N GLN B 151 19.17 -1.42 17.25
CA GLN B 151 18.25 -1.38 16.11
C GLN B 151 18.52 -2.49 15.11
N LEU B 152 17.47 -3.22 14.72
CA LEU B 152 17.55 -4.21 13.66
C LEU B 152 17.68 -3.56 12.28
N PRO B 153 18.38 -4.23 11.34
CA PRO B 153 18.32 -3.83 9.93
C PRO B 153 16.90 -3.61 9.43
N ASP B 154 16.75 -2.68 8.48
CA ASP B 154 15.44 -2.40 7.89
C ASP B 154 14.85 -3.62 7.19
N ALA B 155 15.70 -4.46 6.59
CA ALA B 155 15.21 -5.61 5.83
C ALA B 155 14.57 -6.67 6.72
N ARG B 156 14.88 -6.67 8.02
CA ARG B 156 14.34 -7.70 8.91
C ARG B 156 12.82 -7.63 9.00
N HIS B 157 12.23 -6.45 8.84
CA HIS B 157 10.80 -6.27 9.01
C HIS B 157 10.21 -5.57 7.79
N SER B 158 8.89 -5.66 7.69
CA SER B 158 8.13 -5.03 6.61
C SER B 158 6.96 -4.26 7.22
N THR B 159 6.76 -3.03 6.76
CA THR B 159 5.81 -2.12 7.37
C THR B 159 4.83 -1.61 6.32
N THR B 160 3.53 -1.71 6.61
CA THR B 160 2.50 -1.30 5.67
C THR B 160 2.52 0.20 5.43
N GLN B 161 2.08 0.60 4.24
CA GLN B 161 1.94 2.00 3.90
C GLN B 161 0.89 2.68 4.76
N PRO B 162 1.08 3.96 5.12
CA PRO B 162 0.06 4.67 5.90
C PRO B 162 -1.23 4.79 5.12
N ARG B 163 -2.35 4.63 5.83
CA ARG B 163 -3.67 4.73 5.21
C ARG B 163 -4.69 5.27 6.21
N LYS B 164 -5.69 5.97 5.68
CA LYS B 164 -6.66 6.69 6.49
C LYS B 164 -7.57 5.77 7.29
N THR B 165 -8.09 6.30 8.39
CA THR B 165 -9.08 5.63 9.23
C THR B 165 -10.41 6.37 9.28
N LYS B 166 -10.55 7.44 8.50
CA LYS B 166 -11.80 8.20 8.41
C LYS B 166 -12.17 8.83 9.74
N GLY B 167 -11.25 9.63 10.29
CA GLY B 167 -11.53 10.45 11.45
C GLY B 167 -10.76 10.10 12.71
N SER B 168 -9.87 9.12 12.69
CA SER B 168 -9.11 8.73 13.88
C SER B 168 -7.62 8.88 13.71
N GLY B 169 -7.14 9.30 12.55
CA GLY B 169 -5.72 9.39 12.25
C GLY B 169 -5.25 8.25 11.35
N PHE B 170 -4.00 8.36 10.90
CA PHE B 170 -3.40 7.35 10.05
C PHE B 170 -2.97 6.13 10.87
N PHE B 171 -2.70 5.03 10.18
CA PHE B 171 -2.24 3.82 10.84
C PHE B 171 -1.33 3.03 9.92
N VAL B 172 -0.40 2.29 10.52
CA VAL B 172 0.49 1.38 9.82
C VAL B 172 0.65 0.13 10.68
N PHE B 173 0.90 -0.99 10.01
CA PHE B 173 1.22 -2.25 10.66
C PHE B 173 2.65 -2.62 10.29
N SER B 174 3.36 -3.23 11.24
CA SER B 174 4.70 -3.74 11.01
C SER B 174 4.74 -5.23 11.35
N ARG B 175 5.42 -6.01 10.52
CA ARG B 175 5.54 -7.44 10.70
C ARG B 175 7.01 -7.84 10.80
N LEU B 176 7.36 -8.56 11.86
CA LEU B 176 8.72 -9.01 12.09
C LEU B 176 8.75 -10.49 12.44
N GLU B 177 9.69 -11.23 11.84
CA GLU B 177 9.93 -12.63 12.15
C GLU B 177 11.20 -12.75 13.00
N VAL B 178 11.06 -13.35 14.18
CA VAL B 178 12.17 -13.52 15.11
C VAL B 178 12.47 -15.01 15.27
N THR B 179 13.75 -15.34 15.36
CA THR B 179 14.18 -16.73 15.49
C THR B 179 14.32 -17.13 16.95
N ARG B 180 14.42 -18.45 17.17
CA ARG B 180 14.51 -19.00 18.52
C ARG B 180 15.75 -18.50 19.26
N ALA B 181 16.90 -18.48 18.58
CA ALA B 181 18.14 -18.03 19.21
C ALA B 181 18.02 -16.62 19.78
N GLU B 182 17.35 -15.72 19.04
CA GLU B 182 17.20 -14.34 19.49
C GLU B 182 16.36 -14.23 20.77
N TRP B 183 15.20 -14.90 20.82
CA TRP B 183 14.37 -14.75 22.02
C TRP B 183 14.98 -15.50 23.20
N GLU B 184 15.63 -16.65 22.96
CA GLU B 184 16.39 -17.31 24.01
C GLU B 184 17.50 -16.42 24.53
N GLN B 185 18.15 -15.66 23.64
CA GLN B 185 19.18 -14.71 24.05
C GLN B 185 18.58 -13.64 24.98
N LYS B 186 17.54 -12.95 24.50
CA LYS B 186 16.81 -11.99 25.34
C LYS B 186 15.39 -11.86 24.80
N ASP B 187 14.41 -12.21 25.63
CA ASP B 187 13.01 -12.22 25.20
C ASP B 187 12.36 -10.85 25.45
N GLU B 188 12.87 -9.85 24.73
CA GLU B 188 12.27 -8.52 24.74
C GLU B 188 12.58 -7.87 23.40
N PHE B 189 11.51 -7.50 22.68
CA PHE B 189 11.59 -6.87 21.37
C PHE B 189 10.74 -5.61 21.43
N ILE B 190 11.31 -4.49 21.01
CA ILE B 190 10.73 -3.18 21.23
C ILE B 190 10.37 -2.57 19.88
N CYS B 191 9.11 -2.21 19.74
CA CYS B 191 8.60 -1.54 18.55
C CYS B 191 8.59 -0.04 18.84
N ARG B 192 9.34 0.72 18.06
CA ARG B 192 9.54 2.15 18.31
C ARG B 192 9.11 2.94 17.08
N ALA B 193 8.32 3.98 17.30
CA ALA B 193 7.81 4.83 16.24
C ALA B 193 8.37 6.24 16.39
N VAL B 194 8.89 6.79 15.30
CA VAL B 194 9.40 8.15 15.26
C VAL B 194 8.37 9.01 14.54
N HIS B 195 7.93 10.10 15.16
CA HIS B 195 6.94 10.96 14.54
C HIS B 195 7.06 12.36 15.10
N GLU B 196 6.69 13.34 14.28
CA GLU B 196 6.85 14.75 14.63
C GLU B 196 6.16 15.09 15.94
N ALA B 197 4.92 14.63 16.12
CA ALA B 197 4.10 15.05 17.24
C ALA B 197 4.23 14.12 18.43
N ALA B 198 5.07 13.10 18.35
CA ALA B 198 5.33 12.28 19.52
C ALA B 198 6.13 13.09 20.54
N SER B 199 5.83 12.85 21.81
CA SER B 199 6.40 13.61 22.89
C SER B 199 6.77 12.63 24.01
N PRO B 200 7.89 12.87 24.72
CA PRO B 200 8.60 14.15 24.78
C PRO B 200 9.72 14.40 23.78
N SER B 201 10.41 13.36 23.29
CA SER B 201 11.54 13.54 22.39
C SER B 201 11.28 12.92 21.02
N GLN B 202 10.04 13.00 20.52
CA GLN B 202 9.64 12.53 19.19
C GLN B 202 9.64 11.01 19.07
N THR B 203 9.48 10.28 20.17
CA THR B 203 9.48 8.83 20.13
C THR B 203 8.41 8.25 21.05
N VAL B 204 7.79 7.16 20.60
CA VAL B 204 6.88 6.35 21.39
C VAL B 204 7.22 4.89 21.12
N GLN B 205 7.13 4.04 22.14
CA GLN B 205 7.53 2.65 21.98
C GLN B 205 6.75 1.73 22.92
N ARG B 206 6.74 0.44 22.56
CA ARG B 206 6.12 -0.62 23.33
C ARG B 206 6.94 -1.90 23.17
N ALA B 207 7.14 -2.63 24.28
CA ALA B 207 7.88 -3.88 24.27
C ALA B 207 6.93 -5.08 24.20
N VAL B 208 7.36 -6.13 23.48
CA VAL B 208 6.61 -7.37 23.39
C VAL B 208 7.54 -8.54 23.66
N SER B 209 6.99 -9.63 24.20
CA SER B 209 7.77 -10.83 24.54
C SER B 209 7.09 -12.08 24.02
N VAL B 210 7.91 -13.04 23.57
CA VAL B 210 7.41 -14.31 23.04
C VAL B 210 6.69 -15.10 24.13
N ASN B 211 7.37 -15.32 25.25
CA ASN B 211 6.82 -16.10 26.35
C ASN B 211 6.45 -15.18 27.50
N PRO B 212 5.17 -15.05 27.86
CA PRO B 212 4.72 -14.18 28.95
C PRO B 212 5.42 -14.48 30.28
N MET C 1 -3.39 22.33 -11.52
CA MET C 1 -4.08 22.55 -10.26
C MET C 1 -3.18 22.23 -9.08
N GLU C 2 -3.07 23.19 -8.16
CA GLU C 2 -2.46 22.95 -6.87
C GLU C 2 -3.31 23.66 -5.83
N VAL C 3 -3.67 22.93 -4.77
CA VAL C 3 -4.65 23.42 -3.80
C VAL C 3 -3.97 24.43 -2.87
N GLN C 4 -4.45 25.68 -2.91
CA GLN C 4 -4.03 26.70 -1.97
C GLN C 4 -5.22 27.21 -1.17
N LEU C 5 -5.13 27.09 0.16
CA LEU C 5 -6.18 27.55 1.07
C LEU C 5 -5.54 28.48 2.10
N LEU C 6 -6.06 29.71 2.22
CA LEU C 6 -5.52 30.70 3.16
C LEU C 6 -6.64 31.19 4.08
N GLU C 7 -6.54 30.83 5.36
CA GLU C 7 -7.44 31.31 6.40
C GLU C 7 -7.18 32.77 6.76
N SER C 8 -8.21 33.44 7.26
CA SER C 8 -8.08 34.77 7.87
C SER C 8 -9.21 34.95 8.86
N GLY C 9 -9.03 35.93 9.76
CA GLY C 9 -10.09 36.33 10.68
C GLY C 9 -9.86 35.99 12.14
N GLY C 10 -8.76 35.31 12.48
CA GLY C 10 -8.46 35.02 13.87
C GLY C 10 -8.18 36.27 14.69
N GLY C 11 -8.04 36.06 15.99
CA GLY C 11 -7.78 37.16 16.90
C GLY C 11 -8.20 36.83 18.32
N LEU C 12 -8.34 37.89 19.11
CA LEU C 12 -8.66 37.79 20.53
C LEU C 12 -10.06 38.35 20.75
N VAL C 13 -10.91 37.60 21.45
CA VAL C 13 -12.27 38.05 21.77
C VAL C 13 -12.63 37.62 23.17
N GLN C 14 -13.53 38.39 23.80
CA GLN C 14 -14.03 38.07 25.11
C GLN C 14 -15.07 36.95 25.03
N PRO C 15 -15.19 36.13 26.08
CA PRO C 15 -16.23 35.09 26.12
C PRO C 15 -17.61 35.68 25.85
N GLY C 16 -18.42 34.94 25.10
CA GLY C 16 -19.69 35.42 24.61
C GLY C 16 -19.60 36.18 23.31
N GLY C 17 -18.39 36.49 22.86
CA GLY C 17 -18.18 37.20 21.62
C GLY C 17 -18.47 36.36 20.40
N SER C 18 -18.19 36.93 19.24
CA SER C 18 -18.43 36.26 17.97
C SER C 18 -17.32 36.61 16.98
N LEU C 19 -17.05 35.68 16.05
CA LEU C 19 -15.98 35.86 15.07
C LEU C 19 -16.34 35.17 13.77
N ARG C 20 -15.82 35.71 12.67
CA ARG C 20 -16.08 35.21 11.32
C ARG C 20 -14.75 34.86 10.67
N LEU C 21 -14.62 33.60 10.27
CA LEU C 21 -13.40 33.10 9.65
C LEU C 21 -13.62 32.99 8.15
N SER C 22 -12.66 33.48 7.37
CA SER C 22 -12.74 33.42 5.91
C SER C 22 -11.55 32.64 5.39
N CYS C 23 -11.83 31.59 4.63
CA CYS C 23 -10.82 30.77 3.99
C CYS C 23 -10.90 31.03 2.49
N ALA C 24 -9.82 31.58 1.93
CA ALA C 24 -9.76 31.89 0.51
C ALA C 24 -9.17 30.72 -0.27
N ALA C 25 -9.82 30.36 -1.36
CA ALA C 25 -9.40 29.24 -2.19
C ALA C 25 -8.76 29.74 -3.48
N SER C 26 -7.72 29.03 -3.92
CA SER C 26 -7.02 29.37 -5.14
C SER C 26 -6.35 28.13 -5.71
N GLY C 27 -6.29 28.06 -7.03
CA GLY C 27 -5.56 27.01 -7.72
C GLY C 27 -6.38 25.79 -8.08
N PHE C 28 -7.70 25.86 -7.93
CA PHE C 28 -8.59 24.78 -8.31
C PHE C 28 -9.99 25.35 -8.46
N THR C 29 -10.90 24.56 -9.03
CA THR C 29 -12.28 24.97 -9.21
C THR C 29 -13.02 24.71 -7.90
N PHE C 30 -13.16 25.77 -7.10
CA PHE C 30 -13.71 25.67 -5.74
C PHE C 30 -15.09 25.04 -5.73
N GLY C 31 -15.93 25.36 -6.72
CA GLY C 31 -17.29 24.86 -6.82
C GLY C 31 -17.49 23.37 -7.02
N ASN C 32 -16.41 22.59 -7.08
CA ASN C 32 -16.52 21.14 -7.21
C ASN C 32 -16.24 20.37 -5.93
N TYR C 33 -15.77 21.04 -4.87
CA TYR C 33 -15.30 20.35 -3.68
C TYR C 33 -16.17 20.66 -2.47
N ASP C 34 -16.44 19.61 -1.69
CA ASP C 34 -16.97 19.80 -0.35
C ASP C 34 -15.89 20.44 0.52
N MET C 35 -16.32 21.19 1.53
CA MET C 35 -15.39 21.90 2.41
C MET C 35 -15.69 21.58 3.87
N ALA C 36 -14.67 21.72 4.71
CA ALA C 36 -14.82 21.48 6.13
C ALA C 36 -13.87 22.38 6.91
N TRP C 37 -14.10 22.47 8.23
CA TRP C 37 -13.25 23.20 9.15
C TRP C 37 -12.79 22.26 10.26
N VAL C 38 -11.52 22.37 10.63
CA VAL C 38 -10.97 21.54 11.70
C VAL C 38 -10.22 22.46 12.66
N ARG C 39 -10.24 22.11 13.94
CA ARG C 39 -9.56 22.89 14.97
C ARG C 39 -8.78 21.97 15.89
N GLN C 40 -7.71 22.50 16.46
CA GLN C 40 -6.95 21.83 17.51
C GLN C 40 -6.69 22.80 18.65
N ALA C 41 -7.29 22.54 19.82
CA ALA C 41 -7.00 23.36 20.99
C ALA C 41 -5.65 22.98 21.58
N PRO C 42 -4.92 23.96 22.17
CA PRO C 42 -3.60 23.67 22.75
C PRO C 42 -3.57 22.45 23.65
N GLY C 43 -2.69 21.50 23.32
CA GLY C 43 -2.54 20.30 24.12
C GLY C 43 -3.73 19.36 24.08
N LYS C 44 -4.48 19.35 22.98
CA LYS C 44 -5.64 18.48 22.83
C LYS C 44 -5.60 17.87 21.43
N ARG C 45 -6.29 16.73 21.27
CA ARG C 45 -6.27 16.07 19.97
C ARG C 45 -7.19 16.81 19.00
N PRO C 46 -6.83 16.82 17.71
CA PRO C 46 -7.61 17.57 16.73
C PRO C 46 -9.07 17.13 16.69
N GLU C 47 -9.95 18.10 16.44
CA GLU C 47 -11.39 17.89 16.43
C GLU C 47 -11.99 18.49 15.17
N TRP C 48 -12.73 17.69 14.42
CA TRP C 48 -13.48 18.20 13.28
C TRP C 48 -14.62 19.09 13.75
N VAL C 49 -14.81 20.22 13.06
CA VAL C 49 -15.73 21.26 13.52
C VAL C 49 -17.02 21.24 12.70
N SER C 50 -16.90 21.42 11.39
CA SER C 50 -18.07 21.56 10.54
C SER C 50 -17.66 21.22 9.11
N SER C 51 -18.65 21.02 8.25
CA SER C 51 -18.42 20.67 6.86
C SER C 51 -19.59 21.19 6.03
N ILE C 52 -19.33 21.44 4.75
CA ILE C 52 -20.31 22.05 3.87
C ILE C 52 -20.49 21.24 2.60
N ASP C 53 -21.70 21.30 2.06
CA ASP C 53 -22.05 20.69 0.79
C ASP C 53 -21.40 21.45 -0.36
N THR C 54 -21.40 20.84 -1.54
CA THR C 54 -20.91 21.53 -2.72
C THR C 54 -21.73 22.80 -2.99
N GLY C 55 -23.05 22.65 -3.06
CA GLY C 55 -23.96 23.75 -3.30
C GLY C 55 -24.36 24.52 -2.05
N GLY C 56 -24.24 23.90 -0.88
CA GLY C 56 -24.62 24.53 0.37
C GLY C 56 -25.86 23.95 1.02
N ASP C 57 -26.50 22.95 0.42
CA ASP C 57 -27.73 22.41 0.99
C ASP C 57 -27.46 21.58 2.24
N ILE C 58 -26.29 20.97 2.32
CA ILE C 58 -25.91 20.08 3.42
C ILE C 58 -24.92 20.79 4.33
N THR C 59 -25.24 20.86 5.62
CA THR C 59 -24.37 21.37 6.66
C THR C 59 -24.25 20.29 7.72
N HIS C 60 -23.04 20.07 8.23
CA HIS C 60 -22.83 19.16 9.34
C HIS C 60 -22.00 19.84 10.41
N TYR C 61 -22.28 19.49 11.67
CA TYR C 61 -21.61 20.09 12.82
C TYR C 61 -21.36 19.03 13.88
N ALA C 62 -20.23 19.16 14.57
CA ALA C 62 -20.02 18.39 15.78
C ALA C 62 -20.95 18.93 16.87
N ASP C 63 -21.32 18.04 17.80
CA ASP C 63 -22.27 18.42 18.84
C ASP C 63 -21.72 19.54 19.72
N SER C 64 -20.41 19.57 19.93
CA SER C 64 -19.80 20.60 20.78
C SER C 64 -20.02 22.01 20.25
N VAL C 65 -20.14 22.19 18.94
CA VAL C 65 -20.30 23.52 18.35
C VAL C 65 -21.67 23.73 17.73
N LYS C 66 -22.52 22.71 17.72
CA LYS C 66 -23.80 22.76 17.02
C LYS C 66 -24.68 23.88 17.56
N GLY C 67 -25.30 24.63 16.64
CA GLY C 67 -26.15 25.76 16.95
C GLY C 67 -25.42 27.02 17.39
N ARG C 68 -24.11 26.98 17.57
CA ARG C 68 -23.30 28.17 17.84
C ARG C 68 -22.60 28.68 16.61
N PHE C 69 -22.04 27.80 15.79
CA PHE C 69 -21.38 28.16 14.55
C PHE C 69 -22.30 27.85 13.37
N THR C 70 -22.12 28.59 12.28
CA THR C 70 -22.83 28.34 11.03
C THR C 70 -21.84 28.46 9.88
N ILE C 71 -21.73 27.41 9.08
CA ILE C 71 -20.81 27.37 7.94
C ILE C 71 -21.54 27.82 6.68
N SER C 72 -20.80 28.44 5.76
CA SER C 72 -21.35 28.86 4.48
C SER C 72 -20.20 29.04 3.49
N ARG C 73 -20.55 29.21 2.22
CA ARG C 73 -19.58 29.39 1.17
C ARG C 73 -20.17 30.27 0.08
N ASP C 74 -19.30 31.01 -0.60
CA ASP C 74 -19.66 31.79 -1.78
C ASP C 74 -18.80 31.31 -2.93
N ASN C 75 -19.41 30.61 -3.89
CA ASN C 75 -18.65 29.97 -4.95
C ASN C 75 -18.16 30.94 -6.01
N ALA C 76 -18.82 32.10 -6.15
CA ALA C 76 -18.36 33.09 -7.10
C ALA C 76 -17.13 33.85 -6.59
N LYS C 77 -16.96 33.95 -5.27
CA LYS C 77 -15.81 34.61 -4.69
C LYS C 77 -14.72 33.65 -4.25
N ASN C 78 -14.90 32.34 -4.47
CA ASN C 78 -13.91 31.32 -4.12
C ASN C 78 -13.52 31.42 -2.65
N THR C 79 -14.52 31.53 -1.78
CA THR C 79 -14.27 31.78 -0.37
C THR C 79 -15.23 30.98 0.50
N LEU C 80 -14.69 30.32 1.51
CA LEU C 80 -15.46 29.56 2.49
C LEU C 80 -15.50 30.35 3.79
N TYR C 81 -16.64 30.30 4.49
CA TYR C 81 -16.84 31.08 5.70
C TYR C 81 -17.27 30.18 6.85
N LEU C 82 -16.86 30.56 8.06
CA LEU C 82 -17.38 30.00 9.29
C LEU C 82 -17.73 31.13 10.24
N GLN C 83 -19.00 31.21 10.63
CA GLN C 83 -19.49 32.25 11.53
C GLN C 83 -19.60 31.67 12.92
N MET C 84 -18.87 32.23 13.87
CA MET C 84 -18.80 31.71 15.23
C MET C 84 -19.49 32.68 16.17
N ASN C 85 -20.49 32.18 16.90
CA ASN C 85 -21.25 32.98 17.86
C ASN C 85 -21.19 32.32 19.24
N SER C 86 -21.29 33.14 20.29
CA SER C 86 -21.37 32.67 21.66
C SER C 86 -20.14 31.87 22.07
N LEU C 87 -18.96 32.41 21.77
CA LEU C 87 -17.70 31.74 22.05
C LEU C 87 -17.49 31.50 23.54
N ARG C 88 -16.83 30.38 23.84
CA ARG C 88 -16.53 29.90 25.18
C ARG C 88 -15.03 29.70 25.30
N PRO C 89 -14.49 29.66 26.52
CA PRO C 89 -13.07 29.28 26.69
C PRO C 89 -12.73 27.96 26.02
N GLU C 90 -13.69 27.03 25.97
CA GLU C 90 -13.49 25.74 25.33
C GLU C 90 -13.08 25.88 23.87
N ASP C 91 -13.40 27.00 23.23
CA ASP C 91 -13.22 27.16 21.79
C ASP C 91 -11.87 27.75 21.38
N THR C 92 -10.98 28.09 22.32
CA THR C 92 -9.65 28.57 21.94
C THR C 92 -8.89 27.43 21.25
N ALA C 93 -8.52 27.65 19.99
CA ALA C 93 -7.87 26.63 19.18
C ALA C 93 -7.28 27.30 17.95
N VAL C 94 -6.46 26.55 17.22
CA VAL C 94 -6.09 26.92 15.86
C VAL C 94 -7.08 26.28 14.91
N TYR C 95 -7.59 27.06 13.96
CA TYR C 95 -8.62 26.61 13.03
C TYR C 95 -8.06 26.51 11.62
N TRP C 96 -8.33 25.38 10.96
CA TRP C 96 -7.94 25.13 9.58
C TRP C 96 -9.17 24.86 8.73
N CYS C 97 -9.16 25.34 7.49
CA CYS C 97 -10.10 24.86 6.49
C CYS C 97 -9.44 23.74 5.69
N ALA C 98 -10.25 22.76 5.29
CA ALA C 98 -9.73 21.55 4.69
C ALA C 98 -10.68 21.06 3.60
N THR C 99 -10.17 20.14 2.78
CA THR C 99 -10.95 19.47 1.76
C THR C 99 -10.24 18.17 1.38
N ASP C 100 -10.99 17.28 0.73
CA ASP C 100 -10.50 15.95 0.40
C ASP C 100 -11.04 15.57 -0.97
N GLU C 101 -10.25 14.79 -1.71
CA GLU C 101 -10.64 14.36 -3.05
C GLU C 101 -11.82 13.42 -3.04
N GLU C 102 -11.98 12.63 -1.98
CA GLU C 102 -13.03 11.61 -1.91
C GLU C 102 -14.16 12.00 -0.97
N TYR C 103 -13.86 12.15 0.32
CA TYR C 103 -14.86 12.39 1.36
C TYR C 103 -14.48 13.60 2.18
N ALA C 104 -15.37 14.60 2.25
CA ALA C 104 -15.15 15.78 3.08
C ALA C 104 -16.29 16.11 4.04
N LEU C 105 -17.46 15.48 3.90
CA LEU C 105 -18.62 15.86 4.71
C LEU C 105 -18.39 15.55 6.19
N GLY C 106 -17.76 14.44 6.50
CA GLY C 106 -17.55 14.06 7.88
C GLY C 106 -16.11 14.22 8.31
N PRO C 107 -15.80 13.86 9.55
CA PRO C 107 -14.40 13.86 9.98
C PRO C 107 -13.59 12.85 9.18
N ASN C 108 -12.38 13.27 8.80
CA ASN C 108 -11.53 12.47 7.94
C ASN C 108 -10.12 13.02 8.05
N GLU C 109 -9.15 12.25 7.57
CA GLU C 109 -7.79 12.77 7.43
C GLU C 109 -7.70 13.41 6.06
N PHE C 110 -8.05 14.70 6.00
CA PHE C 110 -8.24 15.38 4.74
C PHE C 110 -6.94 15.46 3.94
N ASP C 111 -7.09 15.43 2.62
CA ASP C 111 -5.93 15.50 1.73
C ASP C 111 -5.24 16.86 1.81
N TYR C 112 -6.01 17.94 1.88
CA TYR C 112 -5.48 19.29 1.87
C TYR C 112 -5.90 20.04 3.13
N TYR C 113 -4.94 20.77 3.70
CA TYR C 113 -5.23 21.72 4.77
C TYR C 113 -4.65 23.07 4.39
N GLY C 114 -5.27 24.14 4.90
CA GLY C 114 -4.75 25.48 4.72
C GLY C 114 -3.54 25.76 5.58
N GLN C 115 -3.40 27.00 6.04
CA GLN C 115 -2.28 27.40 6.87
C GLN C 115 -2.67 27.58 8.32
N GLY C 116 -3.95 27.73 8.59
CA GLY C 116 -4.49 27.87 9.93
C GLY C 116 -4.46 29.31 10.44
N THR C 117 -5.31 29.55 11.44
CA THR C 117 -5.43 30.82 12.10
C THR C 117 -5.84 30.55 13.53
N LEU C 118 -5.51 31.47 14.42
CA LEU C 118 -5.66 31.26 15.85
C LEU C 118 -6.81 32.09 16.40
N VAL C 119 -7.63 31.46 17.24
CA VAL C 119 -8.74 32.12 17.92
C VAL C 119 -8.50 31.93 19.41
N THR C 120 -8.33 33.04 20.13
CA THR C 120 -8.05 33.02 21.56
C THR C 120 -9.26 33.63 22.25
N VAL C 121 -9.98 32.81 23.01
CA VAL C 121 -11.14 33.26 23.75
C VAL C 121 -10.75 33.37 25.21
N SER C 122 -10.77 34.60 25.72
CA SER C 122 -10.40 34.88 27.11
C SER C 122 -10.95 36.25 27.47
N SER C 123 -10.90 36.55 28.76
CA SER C 123 -11.36 37.84 29.24
C SER C 123 -10.44 38.96 28.77
N GLU D 2 7.85 -8.50 -21.88
CA GLU D 2 7.19 -8.99 -20.68
C GLU D 2 7.52 -10.48 -20.46
N VAL D 3 7.68 -10.85 -19.20
CA VAL D 3 8.23 -12.15 -18.79
C VAL D 3 7.23 -13.25 -19.11
N GLN D 4 7.60 -14.16 -20.01
CA GLN D 4 6.88 -15.40 -20.29
C GLN D 4 7.84 -16.56 -20.05
N LEU D 5 7.47 -17.48 -19.18
CA LEU D 5 8.30 -18.63 -18.82
C LEU D 5 7.53 -19.92 -19.10
N LEU D 6 8.14 -20.83 -19.86
CA LEU D 6 7.51 -22.10 -20.23
C LEU D 6 8.39 -23.27 -19.80
N GLU D 7 7.94 -24.02 -18.82
CA GLU D 7 8.60 -25.25 -18.39
C GLU D 7 8.41 -26.39 -19.38
N SER D 8 9.38 -27.31 -19.39
CA SER D 8 9.27 -28.58 -20.11
C SER D 8 10.18 -29.60 -19.44
N GLY D 9 9.92 -30.88 -19.70
CA GLY D 9 10.79 -31.95 -19.27
C GLY D 9 10.25 -32.86 -18.17
N GLY D 10 9.05 -32.60 -17.67
CA GLY D 10 8.47 -33.48 -16.65
C GLY D 10 8.17 -34.88 -17.16
N GLY D 11 7.76 -35.73 -16.23
CA GLY D 11 7.47 -37.11 -16.56
C GLY D 11 7.54 -38.02 -15.34
N LEU D 12 7.63 -39.32 -15.63
CA LEU D 12 7.61 -40.38 -14.63
C LEU D 12 8.96 -41.09 -14.60
N VAL D 13 9.54 -41.23 -13.40
CA VAL D 13 10.80 -41.95 -13.23
C VAL D 13 10.80 -42.74 -11.93
N GLN D 14 11.58 -43.83 -11.91
CA GLN D 14 11.78 -44.69 -10.75
C GLN D 14 12.79 -44.09 -9.77
N PRO D 15 12.67 -44.44 -8.48
CA PRO D 15 13.66 -44.00 -7.49
C PRO D 15 15.10 -44.28 -7.92
N GLY D 16 15.98 -43.32 -7.67
CA GLY D 16 17.35 -43.37 -8.12
C GLY D 16 17.58 -42.86 -9.54
N GLY D 17 16.51 -42.65 -10.31
CA GLY D 17 16.60 -42.20 -11.68
C GLY D 17 17.06 -40.75 -11.79
N SER D 18 17.03 -40.26 -13.03
CA SER D 18 17.40 -38.89 -13.35
C SER D 18 16.48 -38.35 -14.43
N LEU D 19 16.24 -37.04 -14.37
CA LEU D 19 15.36 -36.33 -15.29
C LEU D 19 15.89 -34.91 -15.40
N ARG D 20 15.70 -34.29 -16.56
CA ARG D 20 16.25 -32.97 -16.81
C ARG D 20 15.14 -31.99 -17.16
N LEU D 21 15.05 -30.89 -16.42
CA LEU D 21 14.00 -29.90 -16.59
C LEU D 21 14.54 -28.71 -17.37
N SER D 22 13.79 -28.26 -18.37
CA SER D 22 14.17 -27.12 -19.20
C SER D 22 13.07 -26.06 -19.14
N CYS D 23 13.44 -24.86 -18.73
CA CYS D 23 12.55 -23.71 -18.68
C CYS D 23 12.97 -22.74 -19.78
N ALA D 24 12.09 -22.51 -20.75
CA ALA D 24 12.38 -21.61 -21.86
C ALA D 24 11.89 -20.20 -21.53
N ALA D 25 12.74 -19.21 -21.77
CA ALA D 25 12.44 -17.82 -21.47
C ALA D 25 12.18 -17.03 -22.74
N SER D 26 11.24 -16.09 -22.67
CA SER D 26 10.91 -15.26 -23.83
C SER D 26 10.31 -13.93 -23.37
N GLY D 27 10.58 -12.88 -24.14
CA GLY D 27 9.95 -11.60 -23.94
C GLY D 27 10.67 -10.62 -23.05
N PHE D 28 11.92 -10.90 -22.67
CA PHE D 28 12.70 -9.98 -21.85
C PHE D 28 14.17 -10.35 -22.01
N THR D 29 15.04 -9.50 -21.48
CA THR D 29 16.48 -9.77 -21.56
C THR D 29 16.82 -10.75 -20.45
N PHE D 30 16.86 -12.04 -20.81
CA PHE D 30 17.06 -13.12 -19.86
C PHE D 30 18.38 -12.95 -19.11
N GLY D 31 19.41 -12.47 -19.80
CA GLY D 31 20.72 -12.28 -19.21
C GLY D 31 20.84 -11.24 -18.11
N ASN D 32 19.73 -10.58 -17.74
CA ASN D 32 19.75 -9.61 -16.65
C ASN D 32 19.11 -10.11 -15.37
N TYR D 33 18.49 -11.27 -15.36
CA TYR D 33 17.69 -11.73 -14.23
C TYR D 33 18.31 -12.97 -13.59
N ASP D 34 18.33 -12.99 -12.25
CA ASP D 34 18.57 -14.24 -11.54
C ASP D 34 17.34 -15.14 -11.70
N MET D 35 17.57 -16.46 -11.64
CA MET D 35 16.51 -17.42 -11.86
C MET D 35 16.47 -18.42 -10.71
N ALA D 36 15.30 -19.01 -10.48
CA ALA D 36 15.14 -19.99 -9.40
C ALA D 36 14.10 -21.05 -9.80
N TRP D 37 14.06 -22.13 -9.01
CA TRP D 37 13.11 -23.21 -9.20
C TRP D 37 12.36 -23.46 -7.90
N VAL D 38 11.05 -23.65 -7.99
CA VAL D 38 10.22 -23.95 -6.83
C VAL D 38 9.29 -25.11 -7.18
N ARG D 39 8.96 -25.92 -6.16
CA ARG D 39 8.11 -27.09 -6.35
C ARG D 39 7.04 -27.14 -5.26
N GLN D 40 5.89 -27.74 -5.59
CA GLN D 40 4.85 -28.02 -4.63
C GLN D 40 4.39 -29.47 -4.76
N ALA D 41 4.64 -30.26 -3.72
CA ALA D 41 4.16 -31.64 -3.60
C ALA D 41 2.70 -31.66 -3.15
N PRO D 42 1.93 -32.69 -3.57
CA PRO D 42 0.52 -32.79 -3.18
C PRO D 42 0.23 -32.57 -1.71
N GLY D 43 -0.62 -31.59 -1.40
CA GLY D 43 -1.01 -31.32 -0.03
C GLY D 43 0.09 -30.79 0.87
N LYS D 44 1.06 -30.08 0.30
CA LYS D 44 2.16 -29.51 1.07
C LYS D 44 2.41 -28.09 0.61
N ARG D 45 3.01 -27.30 1.49
CA ARG D 45 3.29 -25.92 1.16
C ARG D 45 4.50 -25.85 0.24
N PRO D 46 4.54 -24.88 -0.67
CA PRO D 46 5.63 -24.82 -1.64
C PRO D 46 6.99 -24.71 -0.98
N GLU D 47 7.98 -25.28 -1.67
CA GLU D 47 9.35 -25.36 -1.18
C GLU D 47 10.28 -24.83 -2.25
N TRP D 48 11.08 -23.83 -1.90
CA TRP D 48 12.09 -23.34 -2.81
C TRP D 48 13.18 -24.40 -2.99
N VAL D 49 13.60 -24.62 -4.23
CA VAL D 49 14.48 -25.74 -4.55
C VAL D 49 15.90 -25.25 -4.76
N SER D 50 16.11 -24.36 -5.72
CA SER D 50 17.44 -23.91 -6.09
C SER D 50 17.32 -22.58 -6.82
N SER D 51 18.47 -21.92 -6.99
CA SER D 51 18.51 -20.63 -7.65
C SER D 51 19.85 -20.44 -8.33
N ILE D 52 19.86 -19.63 -9.38
CA ILE D 52 21.05 -19.42 -10.19
C ILE D 52 21.35 -17.93 -10.31
N ASP D 53 22.64 -17.61 -10.40
CA ASP D 53 23.12 -16.25 -10.57
C ASP D 53 22.88 -15.77 -12.01
N THR D 54 23.03 -14.46 -12.20
CA THR D 54 22.94 -13.88 -13.55
C THR D 54 23.99 -14.48 -14.47
N GLY D 55 25.26 -14.46 -14.04
CA GLY D 55 26.33 -15.01 -14.85
C GLY D 55 26.50 -16.51 -14.74
N GLY D 56 26.00 -17.09 -13.65
CA GLY D 56 26.11 -18.52 -13.42
C GLY D 56 27.12 -18.86 -12.36
N ASP D 57 27.78 -17.86 -11.78
CA ASP D 57 28.84 -18.09 -10.80
C ASP D 57 28.30 -18.51 -9.45
N ILE D 58 27.11 -18.05 -9.09
CA ILE D 58 26.53 -18.30 -7.77
C ILE D 58 25.41 -19.32 -7.91
N THR D 59 25.49 -20.39 -7.13
CA THR D 59 24.45 -21.41 -7.05
C THR D 59 24.01 -21.58 -5.60
N HIS D 60 22.71 -21.70 -5.39
CA HIS D 60 22.16 -22.01 -4.08
C HIS D 60 21.17 -23.18 -4.20
N TYR D 61 21.12 -23.99 -3.14
CA TYR D 61 20.26 -25.16 -3.09
C TYR D 61 19.67 -25.26 -1.70
N ALA D 62 18.43 -25.73 -1.64
CA ALA D 62 17.82 -26.09 -0.37
C ALA D 62 18.50 -27.33 0.20
N ASP D 63 18.44 -27.47 1.54
CA ASP D 63 19.13 -28.58 2.20
C ASP D 63 18.62 -29.92 1.72
N SER D 64 17.33 -30.03 1.42
CA SER D 64 16.76 -31.29 0.96
C SER D 64 17.36 -31.78 -0.37
N VAL D 65 17.79 -30.87 -1.24
CA VAL D 65 18.24 -31.25 -2.58
C VAL D 65 19.74 -31.06 -2.78
N LYS D 66 20.47 -30.59 -1.78
CA LYS D 66 21.90 -30.32 -1.92
C LYS D 66 22.66 -31.55 -2.40
N GLY D 67 23.51 -31.37 -3.40
CA GLY D 67 24.32 -32.44 -3.96
C GLY D 67 23.57 -33.47 -4.76
N ARG D 68 22.24 -33.40 -4.82
CA ARG D 68 21.47 -34.29 -5.68
C ARG D 68 21.08 -33.62 -6.99
N PHE D 69 20.71 -32.35 -6.92
CA PHE D 69 20.36 -31.55 -8.10
C PHE D 69 21.51 -30.60 -8.47
N THR D 70 21.53 -30.22 -9.74
CA THR D 70 22.46 -29.21 -10.24
C THR D 70 21.71 -28.26 -11.15
N ILE D 71 21.77 -26.96 -10.83
CA ILE D 71 21.12 -25.92 -11.63
C ILE D 71 22.14 -25.32 -12.59
N SER D 72 21.65 -24.85 -13.74
CA SER D 72 22.51 -24.21 -14.73
C SER D 72 21.65 -23.37 -15.67
N ARG D 73 22.32 -22.53 -16.46
CA ARG D 73 21.65 -21.71 -17.46
C ARG D 73 22.60 -21.50 -18.65
N ASP D 74 22.00 -21.35 -19.83
CA ASP D 74 22.72 -20.98 -21.05
C ASP D 74 22.06 -19.72 -21.60
N ASN D 75 22.78 -18.59 -21.52
CA ASN D 75 22.17 -17.30 -21.84
C ASN D 75 22.00 -17.05 -23.32
N ALA D 76 22.81 -17.69 -24.17
CA ALA D 76 22.67 -17.49 -25.61
C ALA D 76 21.46 -18.23 -26.17
N LYS D 77 21.05 -19.32 -25.52
CA LYS D 77 19.86 -20.06 -25.94
C LYS D 77 18.64 -19.65 -25.14
N ASN D 78 18.78 -18.72 -24.20
CA ASN D 78 17.69 -18.21 -23.37
C ASN D 78 16.94 -19.35 -22.68
N THR D 79 17.70 -20.23 -22.04
CA THR D 79 17.14 -21.45 -21.45
C THR D 79 17.76 -21.71 -20.09
N LEU D 80 16.91 -22.00 -19.11
CA LEU D 80 17.33 -22.38 -17.77
C LEU D 80 17.12 -23.87 -17.59
N TYR D 81 18.03 -24.53 -16.88
CA TYR D 81 18.00 -25.98 -16.71
C TYR D 81 18.04 -26.34 -15.24
N LEU D 82 17.39 -27.45 -14.89
CA LEU D 82 17.57 -28.10 -13.60
C LEU D 82 17.77 -29.59 -13.84
N GLN D 83 18.93 -30.10 -13.43
CA GLN D 83 19.29 -31.50 -13.60
C GLN D 83 19.10 -32.22 -12.27
N MET D 84 18.23 -33.22 -12.25
CA MET D 84 17.88 -33.92 -11.03
C MET D 84 18.44 -35.33 -11.08
N ASN D 85 19.27 -35.67 -10.10
CA ASN D 85 19.87 -36.99 -9.99
C ASN D 85 19.50 -37.58 -8.63
N SER D 86 19.43 -38.91 -8.57
CA SER D 86 19.15 -39.63 -7.33
C SER D 86 17.76 -39.25 -6.79
N LEU D 87 16.78 -39.19 -7.69
CA LEU D 87 15.43 -38.82 -7.34
C LEU D 87 14.80 -39.79 -6.35
N ARG D 88 13.95 -39.26 -5.48
CA ARG D 88 13.23 -40.01 -4.47
C ARG D 88 11.72 -39.77 -4.58
N PRO D 89 10.89 -40.69 -4.08
CA PRO D 89 9.43 -40.45 -4.07
C PRO D 89 9.03 -39.15 -3.40
N GLU D 90 9.80 -38.75 -2.39
CA GLU D 90 9.60 -37.50 -1.68
C GLU D 90 9.65 -36.29 -2.63
N ASP D 91 10.29 -36.45 -3.79
CA ASP D 91 10.48 -35.36 -4.74
C ASP D 91 9.33 -35.25 -5.74
N THR D 92 8.30 -36.07 -5.60
CA THR D 92 7.11 -35.95 -6.45
C THR D 92 6.47 -34.59 -6.22
N ALA D 93 6.41 -33.78 -7.27
CA ALA D 93 5.86 -32.44 -7.13
C ALA D 93 5.63 -31.86 -8.52
N VAL D 94 4.93 -30.74 -8.56
CA VAL D 94 4.90 -29.86 -9.71
C VAL D 94 6.02 -28.84 -9.56
N TYR D 95 6.80 -28.63 -10.61
CA TYR D 95 7.96 -27.75 -10.59
C TYR D 95 7.72 -26.51 -11.43
N TRP D 96 8.03 -25.34 -10.87
CA TRP D 96 7.95 -24.07 -11.57
C TRP D 96 9.33 -23.41 -11.61
N CYS D 97 9.64 -22.76 -12.72
CA CYS D 97 10.73 -21.80 -12.77
C CYS D 97 10.17 -20.41 -12.53
N ALA D 98 10.97 -19.56 -11.87
CA ALA D 98 10.51 -18.26 -11.42
C ALA D 98 11.62 -17.22 -11.56
N THR D 99 11.22 -15.96 -11.49
CA THR D 99 12.17 -14.85 -11.49
C THR D 99 11.48 -13.63 -10.90
N ASP D 100 12.30 -12.66 -10.49
CA ASP D 100 11.80 -11.49 -9.79
C ASP D 100 12.65 -10.29 -10.20
N GLU D 101 12.02 -9.10 -10.17
CA GLU D 101 12.72 -7.89 -10.56
C GLU D 101 13.82 -7.53 -9.57
N GLU D 102 13.64 -7.86 -8.29
CA GLU D 102 14.58 -7.42 -7.25
C GLU D 102 15.43 -8.54 -6.68
N TYR D 103 14.82 -9.55 -6.07
CA TYR D 103 15.54 -10.62 -5.38
C TYR D 103 15.09 -11.97 -5.90
N ALA D 104 16.03 -12.76 -6.41
CA ALA D 104 15.75 -14.10 -6.89
C ALA D 104 16.69 -15.18 -6.34
N LEU D 105 17.79 -14.81 -5.68
CA LEU D 105 18.75 -15.82 -5.22
C LEU D 105 18.17 -16.72 -4.14
N GLY D 106 17.39 -16.17 -3.23
CA GLY D 106 16.85 -16.95 -2.14
C GLY D 106 15.38 -17.27 -2.30
N PRO D 107 14.81 -17.97 -1.32
CA PRO D 107 13.36 -18.19 -1.33
C PRO D 107 12.64 -16.85 -1.20
N ASN D 108 11.59 -16.70 -1.99
CA ASN D 108 10.89 -15.42 -2.09
C ASN D 108 9.52 -15.64 -2.70
N GLU D 109 8.68 -14.62 -2.61
CA GLU D 109 7.41 -14.55 -3.33
C GLU D 109 7.71 -13.90 -4.68
N PHE D 110 8.07 -14.71 -5.65
CA PHE D 110 8.60 -14.22 -6.92
C PHE D 110 7.53 -13.48 -7.71
N ASP D 111 7.97 -12.47 -8.47
CA ASP D 111 7.05 -11.71 -9.30
C ASP D 111 6.49 -12.55 -10.43
N TYR D 112 7.34 -13.35 -11.08
CA TYR D 112 6.96 -14.13 -12.24
C TYR D 112 7.19 -15.61 -12.00
N TYR D 113 6.21 -16.41 -12.40
CA TYR D 113 6.29 -17.87 -12.44
C TYR D 113 5.92 -18.36 -13.83
N GLY D 114 6.45 -19.52 -14.21
CA GLY D 114 6.07 -20.15 -15.45
C GLY D 114 4.71 -20.81 -15.40
N GLN D 115 4.55 -21.91 -16.13
CA GLN D 115 3.30 -22.66 -16.18
C GLN D 115 3.36 -23.97 -15.41
N GLY D 116 4.56 -24.46 -15.12
CA GLY D 116 4.76 -25.66 -14.34
C GLY D 116 4.72 -26.94 -15.17
N THR D 117 5.30 -27.98 -14.58
CA THR D 117 5.38 -29.31 -15.16
C THR D 117 5.40 -30.32 -14.01
N LEU D 118 4.97 -31.55 -14.29
CA LEU D 118 4.76 -32.54 -13.25
C LEU D 118 5.85 -33.61 -13.30
N VAL D 119 6.38 -33.96 -12.12
CA VAL D 119 7.40 -34.99 -11.97
C VAL D 119 6.89 -36.02 -10.95
N THR D 120 6.75 -37.28 -11.40
CA THR D 120 6.25 -38.37 -10.57
C THR D 120 7.35 -39.40 -10.37
N VAL D 121 7.82 -39.55 -9.14
CA VAL D 121 8.82 -40.55 -8.78
C VAL D 121 8.09 -41.67 -8.04
N SER D 122 8.06 -42.86 -8.63
CA SER D 122 7.35 -43.99 -8.05
C SER D 122 7.88 -45.27 -8.67
N SER D 123 7.44 -46.41 -8.12
CA SER D 123 7.88 -47.70 -8.66
C SER D 123 7.30 -47.95 -10.04
N ALA D 124 6.13 -47.38 -10.35
CA ALA D 124 5.53 -47.49 -11.67
C ALA D 124 5.38 -48.94 -12.11
C1 NAG E . -7.98 13.26 -9.88
C2 NAG E . -6.56 12.83 -10.08
C3 NAG E . -6.53 11.44 -10.68
C4 NAG E . -7.37 10.46 -9.85
C5 NAG E . -8.71 11.03 -9.36
C6 NAG E . -9.27 10.27 -8.19
C7 NAG E . -4.52 13.75 -11.14
C8 NAG E . -3.96 14.86 -11.97
N2 NAG E . -5.84 13.79 -10.91
O3 NAG E . -5.19 10.98 -10.73
O4 NAG E . -7.61 9.31 -10.65
O5 NAG E . -8.59 12.40 -8.92
O6 NAG E . -10.36 9.44 -8.57
O7 NAG E . -3.81 12.86 -10.69
C1 NAG E . -7.01 8.15 -10.01
C2 NAG E . -7.88 6.95 -10.25
C3 NAG E . -7.33 5.81 -9.41
C4 NAG E . -5.94 5.46 -9.95
C5 NAG E . -5.02 6.69 -10.08
C6 NAG E . -3.88 6.45 -11.05
C7 NAG E . -10.24 6.41 -9.48
C8 NAG E . -11.64 6.94 -9.49
N2 NAG E . -9.31 7.21 -10.06
O3 NAG E . -8.16 4.66 -9.43
O4 NAG E . -5.32 4.49 -9.12
O5 NAG E . -5.68 7.89 -10.53
O6 NAG E . -3.48 7.66 -11.68
O7 NAG E . -9.98 5.31 -9.01
C1 BMA E . -5.41 3.20 -9.75
C2 BMA E . -4.16 2.34 -9.44
C3 BMA E . -4.35 0.86 -9.87
C4 BMA E . -5.79 0.32 -9.61
C5 BMA E . -6.86 1.39 -9.90
C6 BMA E . -8.23 1.01 -9.36
O2 BMA E . -3.92 2.31 -8.05
O3 BMA E . -3.42 0.01 -9.21
O4 BMA E . -6.04 -0.83 -10.42
O5 BMA E . -6.52 2.58 -9.25
O6 BMA E . -8.04 0.10 -8.29
C1 MAN E . -9.31 -0.08 -7.63
C2 MAN E . -9.07 0.11 -6.12
C3 MAN E . -8.18 -0.99 -5.56
C4 MAN E . -8.49 -2.40 -6.15
C5 MAN E . -8.84 -2.37 -7.67
C6 MAN E . -9.41 -3.67 -8.18
O2 MAN E . -10.29 0.06 -5.36
O3 MAN E . -8.33 -1.02 -4.14
O4 MAN E . -7.37 -3.24 -5.97
O5 MAN E . -9.81 -1.36 -7.89
O6 MAN E . -10.64 -3.91 -7.48
C1 MAN E . -7.09 -0.84 -3.41
C2 MAN E . -7.51 -0.91 -1.92
C3 MAN E . -8.18 0.41 -1.44
C4 MAN E . -7.48 1.67 -1.94
C5 MAN E . -7.06 1.60 -3.41
C6 MAN E . -6.11 2.71 -3.82
O2 MAN E . -6.39 -1.16 -1.08
O3 MAN E . -8.22 0.47 -0.03
O4 MAN E . -8.36 2.76 -1.80
O5 MAN E . -6.38 0.36 -3.71
O6 MAN E . -6.09 3.71 -2.81
C1 MAN E . -11.31 -5.04 -8.09
C2 MAN E . -12.77 -5.08 -7.53
C3 MAN E . -12.78 -5.52 -6.07
C4 MAN E . -11.86 -6.73 -5.81
C5 MAN E . -10.48 -6.57 -6.43
C6 MAN E . -9.65 -7.83 -6.35
O2 MAN E . -13.60 -6.00 -8.24
O3 MAN E . -14.11 -5.82 -5.64
O4 MAN E . -11.73 -6.91 -4.42
O5 MAN E . -10.62 -6.25 -7.82
O6 MAN E . -8.60 -7.77 -7.31
C1 MAN E . -2.38 -0.47 -10.11
C2 MAN E . -1.64 -1.65 -9.39
C3 MAN E . -0.70 -1.13 -8.29
C4 MAN E . 0.18 0.01 -8.79
C5 MAN E . -0.64 1.12 -9.45
C6 MAN E . 0.26 2.14 -10.12
O2 MAN E . -0.81 -2.35 -10.31
O3 MAN E . 0.13 -2.17 -7.77
O4 MAN E . 0.93 0.55 -7.71
O5 MAN E . -1.48 0.57 -10.49
O6 MAN E . 1.31 1.42 -10.76
C1 NAG F . 11.20 -1.70 -14.55
C2 NAG F . 9.77 -1.18 -14.59
C3 NAG F . 9.67 0.13 -13.82
C4 NAG F . 10.31 0.02 -12.42
C5 NAG F . 11.67 -0.69 -12.48
C6 NAG F . 12.19 -1.06 -11.11
C7 NAG F . 8.05 -1.01 -16.35
C8 NAG F . 7.79 -0.83 -17.81
N2 NAG F . 9.33 -1.00 -15.97
O3 NAG F . 8.30 0.49 -13.69
O4 NAG F . 10.56 1.31 -11.87
O5 NAG F . 11.57 -1.92 -13.22
O6 NAG F . 11.53 -2.20 -10.59
O7 NAG F . 7.14 -1.18 -15.55
C1 NAG F . 9.71 1.70 -10.75
C2 NAG F . 10.41 2.32 -9.51
C3 NAG F . 9.37 2.85 -8.53
C4 NAG F . 8.35 3.76 -9.19
C5 NAG F . 7.72 3.10 -10.40
C6 NAG F . 6.79 4.04 -11.15
C7 NAG F . 12.58 1.73 -8.59
C8 NAG F . 13.44 0.72 -7.84
N2 NAG F . 11.31 1.40 -8.82
O3 NAG F . 10.05 3.54 -7.48
O4 NAG F . 7.28 3.93 -8.26
O5 NAG F . 8.74 2.66 -11.31
O6 NAG F . 6.62 3.68 -12.52
O7 NAG F . 13.03 2.82 -8.95
C1 BMA F . 7.51 5.04 -7.37
C2 BMA F . 6.19 5.34 -6.68
C3 BMA F . 6.38 6.59 -5.81
C4 BMA F . 7.65 6.50 -4.90
C5 BMA F . 8.88 5.93 -5.66
C6 BMA F . 10.04 5.58 -4.77
O2 BMA F . 5.84 4.29 -5.80
O3 BMA F . 5.22 6.82 -5.02
O4 BMA F . 7.95 7.79 -4.41
O5 BMA F . 8.47 4.75 -6.35
O6 BMA F . 9.57 5.40 -3.46
C1 MAN F . 10.69 4.96 -2.68
C2 MAN F . 10.21 3.76 -1.88
C3 MAN F . 9.05 4.13 -0.96
C4 MAN F . 9.30 5.48 -0.22
C5 MAN F . 10.00 6.57 -1.11
C6 MAN F . 10.54 7.75 -0.31
O2 MAN F . 11.23 3.25 -1.02
O3 MAN F . 8.82 3.10 0.00
O4 MAN F . 8.08 5.99 0.28
O5 MAN F . 11.09 5.99 -1.83
O6 MAN F . 11.62 7.29 0.50
C1 MAN F . 7.52 2.50 -0.21
C2 MAN F . 7.25 1.64 1.05
C3 MAN F . 8.09 0.37 1.01
C4 MAN F . 7.87 -0.38 -0.32
C5 MAN F . 8.24 0.53 -1.49
C6 MAN F . 7.96 -0.12 -2.84
O2 MAN F . 5.88 1.22 1.10
O3 MAN F . 7.78 -0.47 2.10
O4 MAN F . 8.70 -1.53 -0.35
O5 MAN F . 7.44 1.73 -1.42
O6 MAN F . 8.52 -1.43 -2.78
C1 MAN F . 12.21 8.42 1.19
C2 MAN F . 13.55 7.92 1.78
C3 MAN F . 13.32 6.95 2.95
C4 MAN F . 12.23 7.43 3.92
C5 MAN F . 10.98 7.95 3.19
C6 MAN F . 10.00 8.65 4.13
O2 MAN F . 14.33 9.00 2.31
O3 MAN F . 14.52 6.71 3.66
O4 MAN F . 11.84 6.34 4.72
O5 MAN F . 11.38 8.91 2.22
O6 MAN F . 9.15 9.52 3.38
C1 MAN F . 4.30 7.66 -5.74
C2 MAN F . 3.40 8.33 -4.65
C3 MAN F . 2.42 7.32 -4.02
C4 MAN F . 1.67 6.55 -5.12
C5 MAN F . 2.64 5.94 -6.16
C6 MAN F . 1.92 5.32 -7.32
O2 MAN F . 2.58 9.34 -5.22
O3 MAN F . 1.48 7.95 -3.14
O4 MAN F . 0.85 5.54 -4.54
O5 MAN F . 3.50 6.96 -6.69
O6 MAN F . 1.41 6.38 -8.13
C1 GOL G . -9.41 14.28 13.33
O1 GOL G . -10.32 13.24 13.61
C2 GOL G . -9.41 14.60 11.84
O2 GOL G . -10.68 14.32 11.29
C3 GOL G . -9.10 16.08 11.63
O3 GOL G . -9.29 16.41 10.28
C1 GOL H . 7.96 -20.40 -0.85
O1 GOL H . 8.83 -19.84 0.12
C2 GOL H . 7.91 -19.52 -2.09
O2 GOL H . 9.19 -19.07 -2.42
C3 GOL H . 7.35 -20.32 -3.25
O3 GOL H . 7.40 -19.55 -4.44
#